data_6WGT
#
_entry.id   6WGT
#
_cell.length_a   81.640
_cell.length_b   175.260
_cell.length_c   280.670
_cell.angle_alpha   90.000
_cell.angle_beta   90.000
_cell.angle_gamma   90.000
#
_symmetry.space_group_name_H-M   'C 2 2 21'
#
loop_
_entity.id
_entity.type
_entity.pdbx_description
1 polymer '5-hydroxytryptamine receptor 2A,Soluble cytochrome b562 fusion'
2 non-polymer (8alpha)-N,N-diethyl-6-methyl-9,10-didehydroergoline-8-carboxamide
3 non-polymer CHOLESTEROL
4 non-polymer 'OLEIC ACID'
5 non-polymer DI(HYDROXYETHYL)ETHER
6 non-polymer 'PHOSPHATE ION'
7 non-polymer 'PENTAETHYLENE GLYCOL'
#
_entity_poly.entity_id   1
_entity_poly.type   'polypeptide(L)'
_entity_poly.pdbx_seq_one_letter_code
;MKTIIALSYIFCLVFADYKDDDDGAPLSLLHLQEKNWSALLTAVVIILTIAGNILVIMAVSLEKKLQNATNYFLMSLAIA
DMLLGFLVMPVSMLTILYGYRWPLPSKLCAVWIYLDVLFSTASIMHLCAISLDRYVAIQNPIHHSRFNSRTKAFLKIIAV
WTISVGISMPIPVFGLQDDSKVFKEGSCLLADDNFVLIGSFVSFFIPATIMVITYFLTIKSLQKEAADLEDNWETLNDNL
KVIEKADNAAQVKDALTKMRAAALDAQKATPPKLEDKSPDSPEMKDFRHGFDILVGQIDDALKLANEGKVKEAQAAAEQL
KTTRNAYIQKYLTMQSISNEQKACKVLGIVFFLFVVMWCPFFITNIMAVICKESCNEDVIGALLNVFVWIGYASSAVNPL
VYTLFNKTYRSAFSRYIQCQYKENKKPGRPLEVLFQGPHHHHHHHHHH
;
_entity_poly.pdbx_strand_id   A,B,C
#
loop_
_chem_comp.id
_chem_comp.type
_chem_comp.name
_chem_comp.formula
1PE non-polymer 'PENTAETHYLENE GLYCOL' 'C10 H22 O6'
7LD non-polymer (8alpha)-N,N-diethyl-6-methyl-9,10-didehydroergoline-8-carboxamide 'C20 H25 N3 O'
CLR non-polymer CHOLESTEROL 'C27 H46 O'
OLA non-polymer 'OLEIC ACID' 'C18 H34 O2'
PEG non-polymer DI(HYDROXYETHYL)ETHER 'C4 H10 O3'
PO4 non-polymer 'PHOSPHATE ION' 'O4 P -3'
#
# COMPACT_ATOMS: atom_id res chain seq x y z
N GLN A 33 -0.06 -7.97 32.78
CA GLN A 33 1.07 -8.71 33.35
C GLN A 33 1.68 -9.63 32.29
N GLU A 34 2.11 -10.82 32.70
CA GLU A 34 2.47 -11.85 31.72
C GLU A 34 1.25 -12.28 30.91
N LYS A 35 0.07 -12.30 31.54
CA LYS A 35 -1.16 -12.74 30.86
C LYS A 35 -1.57 -11.82 29.72
N ASN A 36 -0.97 -10.63 29.60
CA ASN A 36 -1.33 -9.68 28.54
C ASN A 36 -0.91 -10.20 27.16
N TRP A 37 0.19 -10.95 27.07
CA TRP A 37 0.54 -11.61 25.83
C TRP A 37 -0.39 -12.78 25.56
N SER A 38 -0.71 -13.57 26.58
CA SER A 38 -1.57 -14.74 26.42
C SER A 38 -3.06 -14.41 26.47
N ALA A 39 -3.42 -13.19 26.82
CA ALA A 39 -4.84 -12.86 26.87
C ALA A 39 -5.48 -13.12 25.53
N LEU A 40 -4.93 -12.53 24.48
CA LEU A 40 -5.49 -12.62 23.14
C LEU A 40 -5.03 -13.87 22.40
N LEU A 41 -4.09 -14.64 22.98
CA LEU A 41 -3.60 -15.87 22.35
C LEU A 41 -4.74 -16.81 21.99
N THR A 42 -5.68 -16.94 22.90
CA THR A 42 -6.99 -17.52 22.62
C THR A 42 -7.64 -16.90 21.40
N ALA A 43 -7.52 -15.57 21.20
CA ALA A 43 -8.20 -14.97 20.04
C ALA A 43 -7.49 -15.27 18.71
N VAL A 44 -6.16 -15.38 18.75
CA VAL A 44 -5.45 -15.95 17.61
C VAL A 44 -6.01 -17.34 17.31
N VAL A 45 -6.19 -18.15 18.36
CA VAL A 45 -6.66 -19.51 18.14
C VAL A 45 -8.10 -19.52 17.66
N ILE A 46 -8.91 -18.56 18.12
CA ILE A 46 -10.27 -18.48 17.61
C ILE A 46 -10.27 -18.00 16.15
N ILE A 47 -9.34 -17.10 15.80
CA ILE A 47 -9.30 -16.52 14.47
C ILE A 47 -8.78 -17.54 13.45
N LEU A 48 -7.75 -18.31 13.81
CA LEU A 48 -7.19 -19.29 12.88
C LEU A 48 -8.16 -20.42 12.56
N THR A 49 -8.90 -20.94 13.56
CA THR A 49 -9.75 -22.11 13.28
C THR A 49 -11.06 -21.70 12.68
N ILE A 50 -11.48 -20.45 12.92
CA ILE A 50 -12.72 -19.98 12.33
C ILE A 50 -12.50 -19.59 10.87
N ALA A 51 -11.26 -19.40 10.46
CA ALA A 51 -10.97 -18.96 9.10
C ALA A 51 -10.20 -20.00 8.31
N GLY A 52 -9.00 -20.35 8.78
CA GLY A 52 -8.15 -21.25 8.01
C GLY A 52 -8.76 -22.63 7.86
N ASN A 53 -9.45 -23.08 8.89
CA ASN A 53 -10.26 -24.25 8.69
C ASN A 53 -11.33 -23.98 7.63
N ILE A 54 -11.98 -22.81 7.70
CA ILE A 54 -13.10 -22.51 6.82
C ILE A 54 -12.69 -22.65 5.36
N LEU A 55 -11.53 -22.12 5.00
CA LEU A 55 -11.03 -22.28 3.63
C LEU A 55 -10.98 -23.75 3.22
N VAL A 56 -10.53 -24.65 4.11
CA VAL A 56 -10.50 -26.06 3.76
C VAL A 56 -11.89 -26.53 3.30
N ILE A 57 -12.95 -26.05 3.96
CA ILE A 57 -14.27 -26.39 3.48
C ILE A 57 -14.47 -25.82 2.08
N MET A 58 -14.05 -24.56 1.87
CA MET A 58 -14.13 -23.93 0.54
C MET A 58 -13.33 -24.70 -0.49
N ALA A 59 -12.06 -24.97 -0.19
CA ALA A 59 -11.16 -25.56 -1.17
C ALA A 59 -11.67 -26.91 -1.64
N VAL A 60 -12.04 -27.79 -0.71
CA VAL A 60 -12.55 -29.10 -1.13
C VAL A 60 -13.79 -28.93 -2.00
N SER A 61 -14.69 -28.03 -1.61
CA SER A 61 -15.88 -27.81 -2.43
C SER A 61 -15.51 -27.25 -3.82
N LEU A 62 -14.72 -26.17 -3.85
CA LEU A 62 -14.61 -25.44 -5.11
C LEU A 62 -13.77 -26.19 -6.16
N GLU A 63 -12.62 -26.73 -5.78
CA GLU A 63 -11.67 -27.28 -6.76
C GLU A 63 -11.91 -28.77 -6.98
N LYS A 64 -12.09 -29.15 -8.25
CA LYS A 64 -12.39 -30.54 -8.60
C LYS A 64 -11.22 -31.49 -8.33
N LYS A 65 -10.00 -30.97 -8.17
CA LYS A 65 -8.86 -31.85 -7.92
C LYS A 65 -8.99 -32.53 -6.56
N LEU A 66 -9.51 -31.79 -5.57
CA LEU A 66 -9.71 -32.28 -4.21
C LEU A 66 -11.15 -32.78 -4.03
N GLN A 67 -11.47 -33.87 -4.75
CA GLN A 67 -12.77 -34.51 -4.61
C GLN A 67 -12.51 -36.01 -4.37
N ASN A 68 -12.12 -36.30 -3.15
CA ASN A 68 -11.65 -37.59 -2.71
C ASN A 68 -12.27 -37.88 -1.35
N ALA A 69 -12.55 -39.16 -1.08
CA ALA A 69 -13.22 -39.53 0.17
C ALA A 69 -12.35 -39.19 1.37
N THR A 70 -11.04 -39.36 1.24
CA THR A 70 -10.16 -39.00 2.35
C THR A 70 -9.90 -37.48 2.45
N ASN A 71 -10.05 -36.71 1.37
CA ASN A 71 -10.14 -35.25 1.47
C ASN A 71 -11.59 -34.76 1.53
N TYR A 72 -12.56 -35.67 1.44
CA TYR A 72 -13.95 -35.34 1.75
C TYR A 72 -14.15 -35.26 3.25
N PHE A 73 -13.71 -36.30 3.94
CA PHE A 73 -13.70 -36.27 5.39
C PHE A 73 -13.10 -34.99 5.91
N LEU A 74 -12.00 -34.52 5.31
CA LEU A 74 -11.30 -33.42 5.96
C LEU A 74 -12.21 -32.22 5.95
N MET A 75 -12.96 -32.06 4.87
CA MET A 75 -13.96 -31.01 4.78
C MET A 75 -15.03 -31.16 5.86
N SER A 76 -15.63 -32.34 5.98
CA SER A 76 -16.54 -32.60 7.10
C SER A 76 -15.85 -32.39 8.44
N LEU A 77 -14.68 -33.00 8.62
CA LEU A 77 -13.96 -32.77 9.85
C LEU A 77 -13.83 -31.28 10.06
N ALA A 78 -13.47 -30.56 8.99
CA ALA A 78 -13.21 -29.13 9.12
C ALA A 78 -14.45 -28.38 9.60
N ILE A 79 -15.64 -28.83 9.19
CA ILE A 79 -16.86 -28.20 9.70
C ILE A 79 -16.99 -28.43 11.21
N ALA A 80 -16.80 -29.68 11.66
CA ALA A 80 -16.86 -29.96 13.09
C ALA A 80 -15.90 -29.07 13.84
N ASP A 81 -14.66 -29.13 13.45
CA ASP A 81 -13.63 -28.27 13.99
C ASP A 81 -13.93 -26.78 13.79
N MET A 82 -14.43 -26.36 12.62
CA MET A 82 -14.77 -24.94 12.53
C MET A 82 -15.96 -24.58 13.42
N LEU A 83 -17.04 -25.36 13.33
CA LEU A 83 -18.21 -25.13 14.16
C LEU A 83 -17.81 -24.93 15.62
N LEU A 84 -16.84 -25.72 16.09
CA LEU A 84 -16.30 -25.55 17.45
C LEU A 84 -15.66 -24.18 17.63
N GLY A 85 -15.04 -23.66 16.57
CA GLY A 85 -14.38 -22.37 16.66
C GLY A 85 -15.33 -21.20 16.80
N PHE A 86 -16.43 -21.24 16.09
CA PHE A 86 -17.34 -20.11 16.10
C PHE A 86 -18.51 -20.29 17.06
N LEU A 87 -18.61 -21.42 17.73
CA LEU A 87 -19.68 -21.59 18.69
C LEU A 87 -19.15 -21.79 20.10
N VAL A 88 -18.26 -22.76 20.28
CA VAL A 88 -17.84 -23.11 21.63
C VAL A 88 -16.75 -22.20 22.10
N MET A 89 -15.75 -22.00 21.24
CA MET A 89 -14.54 -21.23 21.55
C MET A 89 -14.77 -19.78 21.94
N PRO A 90 -15.77 -19.07 21.40
CA PRO A 90 -15.99 -17.69 21.86
C PRO A 90 -16.31 -17.62 23.33
N VAL A 91 -17.19 -18.49 23.81
CA VAL A 91 -17.66 -18.41 25.18
C VAL A 91 -16.53 -18.70 26.17
N SER A 92 -15.61 -19.61 25.81
CA SER A 92 -14.42 -19.88 26.64
C SER A 92 -13.54 -18.66 26.85
N MET A 93 -13.45 -17.77 25.89
CA MET A 93 -12.88 -16.49 26.23
C MET A 93 -13.71 -15.61 27.12
N LEU A 94 -15.02 -15.55 26.92
CA LEU A 94 -15.87 -14.73 27.78
C LEU A 94 -15.72 -15.18 29.24
N THR A 95 -15.81 -16.48 29.46
CA THR A 95 -15.64 -17.11 30.75
C THR A 95 -14.22 -16.94 31.31
N ILE A 96 -13.18 -17.18 30.50
CA ILE A 96 -11.83 -16.90 30.98
C ILE A 96 -11.70 -15.44 31.38
N LEU A 97 -12.41 -14.53 30.67
CA LEU A 97 -12.25 -13.10 30.95
C LEU A 97 -12.99 -12.68 32.21
N TYR A 98 -14.16 -13.27 32.44
CA TYR A 98 -15.03 -12.92 33.56
C TYR A 98 -14.52 -13.39 34.90
N GLY A 99 -13.45 -14.16 34.93
CA GLY A 99 -12.99 -14.75 36.17
C GLY A 99 -13.41 -16.17 36.34
N TYR A 100 -14.04 -16.76 35.32
CA TYR A 100 -14.58 -18.09 35.29
C TYR A 100 -15.91 -18.18 35.98
N ARG A 101 -16.46 -17.07 36.46
CA ARG A 101 -17.86 -17.07 36.82
C ARG A 101 -18.64 -17.17 35.54
N TRP A 102 -19.75 -17.88 35.56
CA TRP A 102 -20.53 -18.09 34.34
C TRP A 102 -21.34 -16.83 34.01
N PRO A 103 -21.10 -16.18 32.88
CA PRO A 103 -21.77 -14.90 32.64
C PRO A 103 -23.18 -15.05 32.09
N LEU A 104 -23.50 -16.13 31.40
CA LEU A 104 -24.75 -16.22 30.64
C LEU A 104 -25.89 -16.77 31.51
N PRO A 105 -27.11 -16.93 30.95
CA PRO A 105 -28.19 -17.62 31.67
C PRO A 105 -27.85 -19.05 32.09
N SER A 106 -28.26 -19.38 33.31
CA SER A 106 -27.87 -20.67 33.85
C SER A 106 -28.42 -21.80 33.00
N LYS A 107 -29.53 -21.58 32.31
CA LYS A 107 -30.13 -22.69 31.59
C LYS A 107 -29.35 -23.03 30.33
N LEU A 108 -28.48 -22.14 29.85
CA LEU A 108 -27.69 -22.37 28.64
C LEU A 108 -26.23 -22.83 28.91
N CYS A 109 -25.87 -23.09 30.16
CA CYS A 109 -24.58 -23.73 30.45
C CYS A 109 -24.56 -25.22 30.13
N ALA A 110 -25.71 -25.91 30.10
CA ALA A 110 -25.70 -27.31 29.70
C ALA A 110 -25.78 -27.47 28.19
N VAL A 111 -25.75 -26.36 27.45
CA VAL A 111 -25.76 -26.40 25.98
C VAL A 111 -24.38 -26.13 25.39
N TRP A 112 -23.68 -25.10 25.88
CA TRP A 112 -22.34 -24.80 25.40
C TRP A 112 -21.41 -25.98 25.65
N ILE A 113 -21.52 -26.57 26.83
CA ILE A 113 -20.84 -27.82 27.10
C ILE A 113 -21.28 -28.94 26.14
N TYR A 114 -22.57 -29.00 25.75
CA TYR A 114 -23.04 -30.05 24.85
C TYR A 114 -22.38 -29.96 23.48
N LEU A 115 -22.48 -28.79 22.83
CA LEU A 115 -21.79 -28.59 21.57
C LEU A 115 -20.32 -28.94 21.68
N ASP A 116 -19.67 -28.46 22.75
CA ASP A 116 -18.24 -28.66 22.85
C ASP A 116 -17.88 -30.14 22.77
N VAL A 117 -18.53 -30.99 23.57
CA VAL A 117 -18.16 -32.39 23.51
C VAL A 117 -18.64 -33.00 22.21
N LEU A 118 -19.83 -32.61 21.73
CA LEU A 118 -20.31 -33.14 20.46
C LEU A 118 -19.31 -32.93 19.35
N PHE A 119 -18.98 -31.66 19.08
CA PHE A 119 -18.01 -31.34 18.04
C PHE A 119 -16.69 -32.04 18.30
N SER A 120 -16.18 -31.93 19.53
CA SER A 120 -14.92 -32.56 19.87
C SER A 120 -15.00 -34.08 19.77
N THR A 121 -16.18 -34.66 20.04
CA THR A 121 -16.36 -36.08 19.75
C THR A 121 -16.43 -36.31 18.26
N ALA A 122 -17.19 -35.45 17.56
CA ALA A 122 -17.27 -35.51 16.10
C ALA A 122 -15.92 -35.35 15.45
N SER A 123 -15.09 -34.43 15.97
CA SER A 123 -13.79 -34.15 15.38
C SER A 123 -12.87 -35.35 15.49
N ILE A 124 -12.83 -36.00 16.65
CA ILE A 124 -11.95 -37.15 16.67
C ILE A 124 -12.59 -38.34 15.96
N MET A 125 -13.92 -38.40 15.88
CA MET A 125 -14.54 -39.48 15.10
C MET A 125 -14.15 -39.38 13.63
N HIS A 126 -14.13 -38.16 13.09
CA HIS A 126 -13.71 -37.98 11.71
C HIS A 126 -12.28 -38.47 11.53
N LEU A 127 -11.43 -38.23 12.52
CA LEU A 127 -10.02 -38.58 12.35
C LEU A 127 -9.83 -40.08 12.47
N CYS A 128 -10.65 -40.71 13.25
CA CYS A 128 -10.44 -42.11 13.42
C CYS A 128 -11.20 -42.92 12.38
N ALA A 129 -12.24 -42.34 11.78
CA ALA A 129 -12.95 -42.90 10.64
C ALA A 129 -12.26 -42.61 9.35
N ILE A 130 -11.04 -42.13 9.44
CA ILE A 130 -10.20 -41.95 8.28
C ILE A 130 -9.18 -43.06 8.25
N SER A 131 -8.86 -43.64 9.38
CA SER A 131 -7.98 -44.80 9.39
C SER A 131 -8.74 -46.11 9.39
N LEU A 132 -9.83 -46.21 10.15
CA LEU A 132 -10.71 -47.36 9.97
C LEU A 132 -11.11 -47.49 8.51
N ASP A 133 -11.47 -46.38 7.85
CA ASP A 133 -11.78 -46.46 6.43
C ASP A 133 -10.57 -46.92 5.61
N ARG A 134 -9.39 -46.32 5.84
CA ARG A 134 -8.21 -46.56 4.99
C ARG A 134 -7.44 -47.80 5.36
N TYR A 135 -7.63 -48.32 6.57
CA TYR A 135 -7.12 -49.66 6.83
C TYR A 135 -8.02 -50.69 6.17
N VAL A 136 -9.33 -50.43 6.14
CA VAL A 136 -10.27 -51.37 5.55
C VAL A 136 -9.87 -51.70 4.13
N ALA A 137 -9.44 -50.69 3.38
CA ALA A 137 -9.21 -50.85 1.95
C ALA A 137 -8.04 -51.80 1.64
N ILE A 138 -6.97 -51.79 2.45
CA ILE A 138 -5.85 -52.71 2.21
C ILE A 138 -6.20 -54.15 2.64
N GLN A 139 -7.09 -54.33 3.63
CA GLN A 139 -7.49 -55.68 4.02
C GLN A 139 -8.44 -56.33 3.01
N ASN A 140 -9.57 -55.62 2.62
CA ASN A 140 -10.64 -56.12 1.74
C ASN A 140 -10.44 -55.65 0.29
N PRO A 141 -10.47 -56.54 -0.72
CA PRO A 141 -10.02 -56.13 -2.07
C PRO A 141 -10.98 -55.23 -2.84
N ILE A 142 -12.27 -55.58 -2.94
CA ILE A 142 -13.21 -54.76 -3.71
C ILE A 142 -14.68 -55.08 -3.42
N SER A 145 -16.91 -54.50 -6.53
CA SER A 145 -17.96 -53.65 -7.08
C SER A 145 -18.47 -52.66 -6.03
N ARG A 146 -18.63 -51.39 -6.43
CA ARG A 146 -19.05 -50.33 -5.51
C ARG A 146 -20.52 -50.07 -5.72
N PHE A 147 -21.35 -50.50 -4.77
CA PHE A 147 -22.79 -50.30 -4.93
C PHE A 147 -23.13 -48.82 -4.94
N ASN A 148 -22.58 -48.07 -4.00
CA ASN A 148 -22.82 -46.64 -3.86
C ASN A 148 -21.52 -45.97 -4.31
N SER A 149 -21.60 -44.93 -5.15
CA SER A 149 -20.38 -44.39 -5.71
C SER A 149 -20.34 -42.88 -5.49
N ARG A 150 -19.26 -42.42 -4.80
CA ARG A 150 -18.78 -41.09 -4.38
C ARG A 150 -19.62 -40.53 -3.20
N THR A 151 -20.77 -41.14 -2.90
CA THR A 151 -21.51 -40.97 -1.67
C THR A 151 -21.25 -42.13 -0.74
N LYS A 152 -20.16 -42.85 -0.99
CA LYS A 152 -19.66 -43.77 0.00
C LYS A 152 -19.17 -43.00 1.21
N ALA A 153 -18.65 -41.80 0.96
CA ALA A 153 -18.22 -40.92 2.05
C ALA A 153 -19.39 -40.24 2.72
N PHE A 154 -20.18 -39.50 1.95
CA PHE A 154 -21.30 -38.81 2.57
C PHE A 154 -22.20 -39.77 3.36
N LEU A 155 -22.33 -41.02 2.91
CA LEU A 155 -23.03 -41.97 3.75
C LEU A 155 -22.19 -42.34 4.98
N LYS A 156 -20.89 -42.58 4.79
CA LYS A 156 -20.01 -42.80 5.94
C LYS A 156 -20.11 -41.64 6.92
N ILE A 157 -19.84 -40.42 6.43
CA ILE A 157 -19.73 -39.21 7.24
C ILE A 157 -20.92 -39.04 8.18
N ILE A 158 -22.12 -39.28 7.66
CA ILE A 158 -23.31 -39.12 8.45
C ILE A 158 -23.26 -40.04 9.65
N ALA A 159 -22.78 -41.26 9.47
CA ALA A 159 -22.59 -42.12 10.63
C ALA A 159 -21.53 -41.55 11.57
N VAL A 160 -20.50 -40.93 11.03
CA VAL A 160 -19.53 -40.31 11.92
C VAL A 160 -20.23 -39.25 12.76
N TRP A 161 -21.02 -38.38 12.12
CA TRP A 161 -21.71 -37.38 12.92
C TRP A 161 -22.78 -38.00 13.81
N THR A 162 -23.58 -38.91 13.26
CA THR A 162 -24.68 -39.42 14.07
C THR A 162 -24.17 -40.39 15.14
N ILE A 163 -22.97 -40.94 14.98
CA ILE A 163 -22.36 -41.61 16.13
C ILE A 163 -22.07 -40.59 17.23
N SER A 164 -21.54 -39.43 16.85
CA SER A 164 -21.15 -38.44 17.85
C SER A 164 -22.35 -37.73 18.42
N VAL A 165 -23.41 -37.52 17.65
CA VAL A 165 -24.58 -36.95 18.30
C VAL A 165 -25.18 -37.97 19.27
N GLY A 166 -25.13 -39.25 18.93
CA GLY A 166 -25.60 -40.26 19.88
C GLY A 166 -24.89 -40.15 21.21
N ILE A 167 -23.57 -40.02 21.17
CA ILE A 167 -22.74 -40.00 22.36
C ILE A 167 -23.12 -38.83 23.25
N SER A 168 -23.43 -37.69 22.64
CA SER A 168 -23.64 -36.44 23.34
C SER A 168 -25.07 -36.23 23.78
N MET A 169 -25.95 -37.18 23.53
CA MET A 169 -27.29 -37.06 24.07
C MET A 169 -27.26 -36.92 25.58
N PRO A 170 -26.38 -37.63 26.33
CA PRO A 170 -26.40 -37.53 27.79
C PRO A 170 -26.08 -36.17 28.36
N ILE A 171 -25.31 -35.32 27.67
CA ILE A 171 -25.09 -33.97 28.17
C ILE A 171 -26.39 -33.20 28.40
N PRO A 172 -27.34 -33.20 27.50
CA PRO A 172 -28.59 -32.50 27.80
C PRO A 172 -29.61 -33.41 28.47
N VAL A 173 -29.47 -34.75 28.33
CA VAL A 173 -30.38 -35.66 29.03
C VAL A 173 -30.37 -35.37 30.53
N PHE A 174 -29.19 -35.40 31.15
CA PHE A 174 -29.10 -35.02 32.56
C PHE A 174 -28.81 -33.54 32.73
N GLY A 175 -28.84 -32.77 31.66
CA GLY A 175 -28.35 -31.41 31.72
C GLY A 175 -29.17 -30.54 32.64
N LEU A 176 -30.48 -30.70 32.59
CA LEU A 176 -31.34 -29.99 33.51
C LEU A 176 -32.59 -30.83 33.83
N SER A 180 -26.89 -27.73 37.88
CA SER A 180 -26.97 -28.87 38.81
C SER A 180 -25.66 -29.69 38.99
N LYS A 181 -25.55 -30.81 38.28
CA LYS A 181 -24.29 -31.51 38.09
C LYS A 181 -23.54 -30.97 36.86
N VAL A 182 -23.82 -29.73 36.47
CA VAL A 182 -23.10 -29.12 35.37
C VAL A 182 -22.52 -27.78 35.79
N PHE A 183 -22.58 -27.46 37.09
CA PHE A 183 -21.97 -26.27 37.70
C PHE A 183 -21.12 -26.73 38.89
N LYS A 184 -19.94 -26.14 39.07
CA LYS A 184 -19.10 -26.39 40.25
C LYS A 184 -18.60 -25.04 40.71
N GLU A 185 -18.94 -24.67 41.93
CA GLU A 185 -18.55 -23.38 42.51
C GLU A 185 -18.85 -22.23 41.55
N GLY A 186 -20.06 -22.27 40.98
CA GLY A 186 -20.53 -21.19 40.14
C GLY A 186 -19.73 -20.97 38.88
N SER A 187 -19.21 -22.06 38.29
CA SER A 187 -18.61 -22.07 36.96
C SER A 187 -19.21 -23.22 36.14
N CYS A 188 -19.28 -23.02 34.83
CA CYS A 188 -19.93 -23.99 33.96
C CYS A 188 -18.87 -25.02 33.61
N LEU A 189 -19.08 -26.23 34.06
CA LEU A 189 -17.98 -27.15 34.14
C LEU A 189 -18.60 -28.51 34.07
N LEU A 190 -18.06 -29.42 33.27
CA LEU A 190 -18.73 -30.72 33.22
C LEU A 190 -18.38 -31.44 34.51
N ALA A 191 -19.28 -31.36 35.48
CA ALA A 191 -18.98 -31.82 36.82
C ALA A 191 -19.54 -33.20 37.12
N ASP A 192 -20.31 -33.78 36.20
CA ASP A 192 -20.77 -35.16 36.36
C ASP A 192 -19.57 -36.08 36.49
N ASP A 193 -19.41 -36.74 37.64
CA ASP A 193 -18.24 -37.57 37.77
C ASP A 193 -18.24 -38.67 36.70
N ASN A 194 -19.36 -39.38 36.53
CA ASN A 194 -19.33 -40.53 35.61
C ASN A 194 -19.07 -40.09 34.17
N PHE A 195 -19.82 -39.10 33.67
CA PHE A 195 -19.61 -38.74 32.27
C PHE A 195 -18.18 -38.32 32.06
N VAL A 196 -17.63 -37.52 32.98
CA VAL A 196 -16.24 -37.12 32.93
C VAL A 196 -15.34 -38.32 32.72
N LEU A 197 -15.56 -39.37 33.51
CA LEU A 197 -14.71 -40.53 33.45
C LEU A 197 -15.02 -41.36 32.21
N ILE A 198 -16.29 -41.75 32.02
CA ILE A 198 -16.62 -42.65 30.92
C ILE A 198 -16.49 -41.94 29.59
N GLY A 199 -16.95 -40.70 29.52
CA GLY A 199 -16.93 -39.94 28.29
C GLY A 199 -15.58 -39.41 27.88
N SER A 200 -14.57 -39.53 28.75
CA SER A 200 -13.20 -39.28 28.28
C SER A 200 -12.71 -40.42 27.42
N PHE A 201 -13.06 -41.67 27.78
CA PHE A 201 -12.64 -42.78 26.93
C PHE A 201 -13.44 -42.84 25.64
N VAL A 202 -14.76 -42.74 25.75
CA VAL A 202 -15.63 -42.85 24.60
C VAL A 202 -15.29 -41.82 23.54
N SER A 203 -15.02 -40.58 23.92
CA SER A 203 -14.68 -39.60 22.91
C SER A 203 -13.20 -39.29 22.85
N PHE A 204 -12.38 -39.83 23.73
CA PHE A 204 -10.98 -39.66 23.40
C PHE A 204 -10.09 -40.89 23.33
N PHE A 205 -10.03 -41.69 24.39
CA PHE A 205 -9.01 -42.73 24.41
C PHE A 205 -9.37 -43.93 23.54
N ILE A 206 -10.64 -44.26 23.33
CA ILE A 206 -10.85 -45.35 22.38
C ILE A 206 -10.81 -44.78 20.96
N PRO A 207 -11.26 -43.57 20.63
CA PRO A 207 -11.10 -43.18 19.22
C PRO A 207 -9.63 -43.05 18.86
N ALA A 208 -8.84 -42.38 19.72
CA ALA A 208 -7.45 -42.07 19.42
C ALA A 208 -6.59 -43.32 19.47
N THR A 209 -6.84 -44.21 20.43
CA THR A 209 -6.15 -45.51 20.41
C THR A 209 -6.41 -46.27 19.12
N ILE A 210 -7.70 -46.36 18.75
CA ILE A 210 -8.11 -47.08 17.54
C ILE A 210 -7.33 -46.54 16.34
N MET A 211 -7.29 -45.20 16.18
CA MET A 211 -6.65 -44.66 15.00
C MET A 211 -5.15 -44.87 15.06
N VAL A 212 -4.55 -44.77 16.23
CA VAL A 212 -3.10 -44.98 16.26
C VAL A 212 -2.77 -46.38 15.81
N ILE A 213 -3.53 -47.35 16.29
CA ILE A 213 -3.32 -48.73 15.88
C ILE A 213 -3.48 -48.84 14.37
N THR A 214 -4.62 -48.39 13.84
CA THR A 214 -4.83 -48.64 12.42
C THR A 214 -3.93 -47.76 11.55
N TYR A 215 -3.51 -46.58 12.01
CA TYR A 215 -2.61 -45.80 11.18
C TYR A 215 -1.30 -46.51 10.96
N PHE A 216 -0.80 -47.18 11.97
CA PHE A 216 0.50 -47.80 11.78
C PHE A 216 0.40 -49.15 11.07
N LEU A 217 -0.70 -49.89 11.23
CA LEU A 217 -0.88 -51.11 10.45
C LEU A 217 -1.07 -50.81 8.98
N THR A 218 -1.73 -49.69 8.65
CA THR A 218 -1.85 -49.30 7.25
C THR A 218 -0.51 -48.89 6.68
N ILE A 219 0.26 -48.09 7.41
CA ILE A 219 1.55 -47.72 6.86
C ILE A 219 2.39 -48.96 6.57
N LYS A 220 2.59 -49.83 7.58
CA LYS A 220 3.38 -51.03 7.33
C LYS A 220 2.77 -51.85 6.19
N SER A 221 1.44 -52.01 6.17
CA SER A 221 0.82 -52.75 5.09
C SER A 221 1.05 -52.07 3.74
N LEU A 222 0.77 -50.76 3.68
CA LEU A 222 0.91 -50.04 2.41
C LEU A 222 2.36 -49.72 2.09
N GLN A 223 3.27 -49.74 3.07
CA GLN A 223 4.69 -49.78 2.74
C GLN A 223 5.04 -51.10 2.08
N LYS A 224 4.38 -52.20 2.49
CA LYS A 224 4.71 -53.50 1.94
C LYS A 224 4.19 -53.64 0.53
N GLU A 225 2.94 -53.24 0.28
CA GLU A 225 2.39 -53.31 -1.06
C GLU A 225 3.31 -52.63 -2.07
N ALA A 226 3.85 -51.46 -1.71
CA ALA A 226 4.78 -50.77 -2.58
C ALA A 226 5.90 -51.71 -3.01
N ALA A 227 6.65 -52.23 -2.03
CA ALA A 227 7.80 -53.09 -2.34
C ALA A 227 7.41 -54.26 -3.22
N ASP A 228 6.25 -54.87 -2.95
CA ASP A 228 5.78 -55.99 -3.74
C ASP A 228 5.42 -55.56 -5.16
N LEU A 229 4.60 -54.51 -5.29
CA LEU A 229 4.27 -54.01 -6.62
C LEU A 229 5.50 -53.42 -7.31
N GLU A 230 6.32 -52.64 -6.59
CA GLU A 230 7.44 -51.96 -7.25
C GLU A 230 8.50 -52.96 -7.71
N ASP A 231 8.66 -54.07 -6.99
CA ASP A 231 9.65 -55.06 -7.40
C ASP A 231 9.21 -55.85 -8.62
N ASN A 232 7.93 -55.77 -9.01
CA ASN A 232 7.49 -56.44 -10.23
C ASN A 232 8.08 -55.76 -11.46
N TRP A 233 8.09 -54.43 -11.49
CA TRP A 233 8.58 -53.72 -12.65
C TRP A 233 10.07 -53.91 -12.85
N GLU A 234 10.80 -54.13 -11.75
CA GLU A 234 12.16 -54.63 -11.87
C GLU A 234 12.17 -55.97 -12.59
N THR A 235 11.36 -56.93 -12.09
CA THR A 235 11.26 -58.23 -12.73
C THR A 235 10.83 -58.12 -14.19
N LEU A 236 9.81 -57.31 -14.47
CA LEU A 236 9.35 -57.15 -15.83
C LEU A 236 10.45 -56.59 -16.72
N ASN A 237 11.10 -55.49 -16.30
CA ASN A 237 12.18 -54.91 -17.11
C ASN A 237 13.40 -55.83 -17.21
N ASP A 238 13.83 -56.39 -16.07
CA ASP A 238 15.01 -57.25 -16.06
C ASP A 238 14.80 -58.51 -16.87
N ASN A 239 13.68 -59.17 -16.67
CA ASN A 239 13.40 -60.36 -17.46
C ASN A 239 13.24 -60.01 -18.93
N LEU A 240 12.77 -58.80 -19.23
CA LEU A 240 12.70 -58.39 -20.62
C LEU A 240 14.09 -58.07 -21.17
N LYS A 241 15.01 -57.61 -20.32
CA LYS A 241 16.39 -57.44 -20.80
C LYS A 241 16.95 -58.76 -21.30
N VAL A 242 16.76 -59.83 -20.51
CA VAL A 242 17.30 -61.14 -20.87
C VAL A 242 16.67 -61.67 -22.15
N ILE A 243 15.34 -61.61 -22.27
CA ILE A 243 14.69 -62.03 -23.50
C ILE A 243 15.25 -61.25 -24.69
N GLU A 244 15.51 -59.95 -24.49
CA GLU A 244 16.05 -59.10 -25.55
C GLU A 244 17.40 -59.62 -26.03
N LYS A 245 18.25 -60.07 -25.12
CA LYS A 245 19.63 -60.42 -25.43
C LYS A 245 19.90 -61.92 -25.33
N ALA A 246 18.90 -62.75 -25.61
CA ALA A 246 19.02 -64.21 -25.51
C ALA A 246 18.84 -64.84 -26.88
N ASP A 247 19.77 -65.74 -27.22
CA ASP A 247 19.82 -66.40 -28.52
C ASP A 247 19.36 -67.85 -28.47
N ASN A 248 18.77 -68.30 -27.36
CA ASN A 248 18.22 -69.64 -27.24
C ASN A 248 16.70 -69.53 -27.10
N ALA A 249 15.96 -70.15 -28.03
CA ALA A 249 14.51 -70.07 -28.00
C ALA A 249 13.96 -70.57 -26.66
N ALA A 250 14.50 -71.68 -26.15
CA ALA A 250 14.03 -72.23 -24.89
C ALA A 250 14.37 -71.32 -23.70
N GLN A 251 15.48 -70.58 -23.80
CA GLN A 251 15.84 -69.60 -22.77
C GLN A 251 14.75 -68.54 -22.63
N VAL A 252 14.27 -68.01 -23.75
CA VAL A 252 13.20 -67.02 -23.74
C VAL A 252 11.93 -67.61 -23.12
N LYS A 253 11.65 -68.89 -23.39
CA LYS A 253 10.48 -69.54 -22.83
C LYS A 253 10.54 -69.57 -21.31
N ASP A 254 11.67 -70.04 -20.76
CA ASP A 254 11.86 -70.05 -19.30
C ASP A 254 11.94 -68.64 -18.75
N ALA A 255 12.55 -67.71 -19.50
CA ALA A 255 12.65 -66.33 -19.04
C ALA A 255 11.30 -65.62 -19.09
N LEU A 256 10.60 -65.68 -20.22
CA LEU A 256 9.38 -64.91 -20.38
C LEU A 256 8.17 -65.54 -19.71
N THR A 257 8.34 -66.73 -19.12
CA THR A 257 7.22 -67.33 -18.41
C THR A 257 6.79 -66.46 -17.23
N LYS A 258 7.76 -65.93 -16.48
CA LYS A 258 7.48 -65.17 -15.26
C LYS A 258 6.95 -63.77 -15.54
N MET A 259 7.16 -63.25 -16.76
CA MET A 259 6.63 -61.94 -17.11
C MET A 259 5.12 -61.87 -16.97
N ARG A 260 4.41 -62.93 -17.38
CA ARG A 260 2.98 -63.01 -17.10
C ARG A 260 2.72 -62.99 -15.61
N ALA A 261 3.52 -63.72 -14.85
CA ALA A 261 3.32 -63.79 -13.41
C ALA A 261 3.47 -62.42 -12.77
N ALA A 262 4.60 -61.75 -13.03
CA ALA A 262 4.86 -60.45 -12.40
C ALA A 262 3.86 -59.39 -12.84
N ALA A 263 3.46 -59.41 -14.12
CA ALA A 263 2.38 -58.53 -14.57
C ALA A 263 1.07 -58.84 -13.87
N LEU A 264 0.75 -60.12 -13.71
CA LEU A 264 -0.47 -60.48 -13.00
C LEU A 264 -0.44 -60.00 -11.55
N ASP A 265 0.69 -60.22 -10.85
CA ASP A 265 0.86 -59.79 -9.45
C ASP A 265 0.60 -58.29 -9.32
N ALA A 266 1.16 -57.49 -10.23
CA ALA A 266 0.83 -56.07 -10.26
C ALA A 266 -0.65 -55.88 -10.52
N GLN A 267 -1.20 -56.60 -11.50
CA GLN A 267 -2.62 -56.46 -11.84
C GLN A 267 -3.49 -56.71 -10.62
N LYS A 268 -3.20 -57.78 -9.88
CA LYS A 268 -3.94 -58.04 -8.65
C LYS A 268 -3.71 -56.94 -7.64
N ALA A 269 -2.52 -56.34 -7.64
CA ALA A 269 -2.10 -55.49 -6.54
C ALA A 269 -2.21 -53.99 -6.82
N THR A 270 -2.84 -53.56 -7.93
CA THR A 270 -2.95 -52.12 -8.20
C THR A 270 -3.73 -51.44 -7.07
N PRO A 271 -3.30 -50.27 -6.60
CA PRO A 271 -3.70 -49.81 -5.27
C PRO A 271 -5.15 -49.37 -5.23
N PRO A 272 -5.82 -49.56 -4.09
CA PRO A 272 -7.14 -48.93 -3.89
C PRO A 272 -7.07 -47.41 -3.95
N LYS A 273 -6.09 -46.82 -3.29
CA LYS A 273 -5.96 -45.37 -3.10
C LYS A 273 -7.24 -44.79 -2.48
N GLU A 275 -12.01 -44.91 -2.04
CA GLU A 275 -12.18 -46.30 -2.44
C GLU A 275 -11.68 -46.49 -3.90
N ASP A 276 -12.18 -47.49 -4.63
CA ASP A 276 -11.80 -47.73 -6.02
C ASP A 276 -12.82 -47.09 -6.95
N LYS A 277 -12.39 -46.06 -7.68
CA LYS A 277 -13.29 -45.29 -8.53
C LYS A 277 -13.68 -46.07 -9.80
N SER A 278 -14.83 -45.72 -10.35
CA SER A 278 -15.45 -46.42 -11.48
C SER A 278 -14.79 -46.06 -12.82
N PRO A 279 -14.16 -44.89 -12.95
CA PRO A 279 -13.57 -44.50 -14.24
C PRO A 279 -12.07 -44.79 -14.39
N ASP A 280 -11.36 -45.03 -13.30
CA ASP A 280 -9.91 -45.20 -13.33
C ASP A 280 -9.45 -46.67 -13.34
N SER A 281 -10.09 -47.52 -12.53
CA SER A 281 -9.75 -48.93 -12.55
C SER A 281 -9.99 -49.62 -13.90
N PRO A 282 -11.03 -49.29 -14.70
CA PRO A 282 -11.10 -49.87 -16.05
C PRO A 282 -9.88 -49.58 -16.90
N GLU A 283 -9.34 -48.36 -16.89
CA GLU A 283 -8.16 -48.07 -17.69
C GLU A 283 -6.98 -48.96 -17.26
N MET A 284 -6.81 -49.18 -15.95
CA MET A 284 -5.84 -50.18 -15.52
C MET A 284 -6.19 -51.58 -16.02
N LYS A 285 -7.47 -51.95 -15.96
CA LYS A 285 -7.87 -53.26 -16.48
C LYS A 285 -7.47 -53.37 -17.95
N ASP A 286 -7.81 -52.36 -18.76
CA ASP A 286 -7.41 -52.37 -20.17
C ASP A 286 -5.89 -52.29 -20.26
N PHE A 287 -5.30 -51.43 -19.45
CA PHE A 287 -3.85 -51.34 -19.44
C PHE A 287 -3.22 -52.68 -19.11
N ARG A 288 -3.69 -53.31 -18.03
CA ARG A 288 -3.14 -54.61 -17.65
C ARG A 288 -3.43 -55.67 -18.72
N HIS A 289 -4.69 -55.76 -19.17
CA HIS A 289 -5.07 -56.68 -20.23
C HIS A 289 -4.37 -56.35 -21.55
N GLY A 290 -4.37 -55.08 -21.95
CA GLY A 290 -3.78 -54.70 -23.23
C GLY A 290 -2.28 -54.91 -23.28
N PHE A 291 -1.62 -54.68 -22.17
CA PHE A 291 -0.21 -54.97 -22.07
C PHE A 291 0.03 -56.42 -21.72
N ASP A 292 -0.98 -57.13 -21.21
CA ASP A 292 -0.84 -58.57 -21.07
C ASP A 292 -0.83 -59.25 -22.44
N ILE A 293 -1.56 -58.70 -23.42
CA ILE A 293 -1.57 -59.28 -24.76
C ILE A 293 -0.17 -59.41 -25.30
N LEU A 294 0.64 -58.38 -25.14
CA LEU A 294 2.01 -58.42 -25.60
C LEU A 294 2.75 -59.60 -24.98
N VAL A 295 2.55 -59.82 -23.67
CA VAL A 295 3.12 -60.97 -22.98
C VAL A 295 2.53 -62.26 -23.52
N GLY A 296 1.21 -62.35 -23.55
CA GLY A 296 0.57 -63.59 -23.96
C GLY A 296 0.88 -63.93 -25.41
N GLN A 297 0.73 -62.94 -26.30
CA GLN A 297 1.09 -63.15 -27.70
C GLN A 297 2.51 -63.61 -27.84
N ILE A 298 3.43 -62.96 -27.13
CA ILE A 298 4.83 -63.31 -27.31
C ILE A 298 5.13 -64.68 -26.72
N ASP A 299 4.24 -65.18 -25.83
CA ASP A 299 4.39 -66.53 -25.29
C ASP A 299 4.24 -67.59 -26.40
N ASP A 300 3.23 -67.44 -27.26
CA ASP A 300 3.04 -68.36 -28.38
C ASP A 300 4.25 -68.36 -29.31
N ALA A 301 4.62 -67.17 -29.82
CA ALA A 301 5.66 -67.02 -30.85
C ALA A 301 7.07 -67.14 -30.29
N LYS A 303 6.64 -70.16 -27.55
CA LYS A 303 6.40 -71.54 -27.17
C LYS A 303 6.28 -72.39 -28.43
N LEU A 304 5.35 -72.00 -29.31
CA LEU A 304 5.20 -72.69 -30.60
C LEU A 304 6.43 -72.51 -31.47
N ALA A 305 7.11 -71.37 -31.36
CA ALA A 305 8.29 -71.04 -32.17
C ALA A 305 7.95 -71.09 -33.67
N LYS A 311 11.66 -68.25 -31.96
CA LYS A 311 12.57 -67.26 -31.40
C LYS A 311 12.88 -66.16 -32.40
N GLU A 312 12.57 -66.41 -33.68
CA GLU A 312 12.72 -65.37 -34.69
C GLU A 312 11.92 -64.14 -34.32
N ALA A 313 10.63 -64.32 -34.01
CA ALA A 313 9.72 -63.24 -33.63
C ALA A 313 9.39 -63.22 -32.14
N GLN A 314 9.86 -64.19 -31.37
CA GLN A 314 9.70 -64.09 -29.92
C GLN A 314 10.38 -62.84 -29.40
N ALA A 315 11.64 -62.64 -29.77
CA ALA A 315 12.38 -61.47 -29.32
C ALA A 315 11.64 -60.18 -29.62
N ALA A 316 10.96 -60.11 -30.77
CA ALA A 316 10.28 -58.91 -31.20
C ALA A 316 8.79 -58.93 -30.90
N ALA A 317 8.23 -60.07 -30.50
CA ALA A 317 6.84 -60.09 -30.05
C ALA A 317 6.69 -59.40 -28.70
N GLU A 318 7.57 -59.73 -27.76
CA GLU A 318 7.67 -58.99 -26.52
C GLU A 318 8.67 -57.84 -26.68
N GLN A 319 8.30 -56.89 -27.55
CA GLN A 319 9.00 -55.62 -27.53
C GLN A 319 7.93 -54.60 -27.20
N LEU A 320 7.57 -54.56 -25.91
CA LEU A 320 6.68 -53.59 -25.31
C LEU A 320 7.45 -52.36 -24.85
N LYS A 321 8.74 -52.31 -25.18
CA LYS A 321 9.48 -51.06 -25.18
C LYS A 321 9.13 -50.15 -26.35
N THR A 322 8.41 -50.68 -27.38
CA THR A 322 7.93 -49.91 -28.55
C THR A 322 6.53 -49.34 -28.34
N THR A 323 5.75 -49.97 -27.45
CA THR A 323 4.34 -49.68 -27.20
C THR A 323 4.20 -48.53 -26.19
N ARG A 324 3.34 -47.54 -26.48
CA ARG A 324 3.12 -46.46 -25.52
C ARG A 324 2.49 -47.00 -24.25
N ASN A 325 1.60 -47.98 -24.39
CA ASN A 325 0.77 -48.40 -23.28
C ASN A 325 1.60 -48.82 -22.08
N ALA A 326 2.55 -49.73 -22.29
CA ALA A 326 3.38 -50.22 -21.19
C ALA A 326 4.03 -49.07 -20.38
N TYR A 327 4.46 -48.01 -21.05
CA TYR A 327 5.15 -46.92 -20.37
C TYR A 327 4.24 -46.13 -19.44
N ILE A 328 2.94 -46.10 -19.75
CA ILE A 328 2.03 -45.34 -18.91
C ILE A 328 1.80 -46.04 -17.57
N GLN A 329 1.74 -47.35 -17.57
CA GLN A 329 1.38 -48.04 -16.33
C GLN A 329 2.48 -47.94 -15.29
N LYS A 330 3.74 -47.84 -15.72
CA LYS A 330 4.79 -47.42 -14.79
C LYS A 330 4.48 -46.04 -14.21
N TYR A 331 4.51 -45.02 -15.05
CA TYR A 331 4.29 -43.65 -14.57
C TYR A 331 3.10 -43.58 -13.65
N LEU A 332 1.96 -44.05 -14.09
CA LEU A 332 0.68 -43.76 -13.47
C LEU A 332 0.32 -44.75 -12.38
N THR A 333 1.13 -45.79 -12.15
CA THR A 333 1.13 -46.45 -10.84
C THR A 333 2.20 -45.85 -9.95
N MET A 334 3.35 -45.50 -10.51
CA MET A 334 4.45 -45.03 -9.67
C MET A 334 4.15 -43.65 -9.09
N GLN A 335 3.39 -42.84 -9.81
CA GLN A 335 2.81 -41.66 -9.19
C GLN A 335 1.86 -42.04 -8.08
N SER A 336 0.99 -43.04 -8.31
CA SER A 336 -0.07 -43.37 -7.35
C SER A 336 0.50 -43.92 -6.05
N ILE A 337 1.68 -44.54 -6.09
CA ILE A 337 2.35 -44.89 -4.84
C ILE A 337 2.80 -43.63 -4.09
N SER A 338 3.39 -42.67 -4.81
CA SER A 338 3.93 -41.50 -4.13
C SER A 338 2.84 -40.55 -3.67
N ASN A 339 1.61 -40.72 -4.15
CA ASN A 339 0.48 -39.92 -3.69
C ASN A 339 -0.24 -40.57 -2.55
N GLU A 340 0.20 -41.74 -2.15
CA GLU A 340 -0.28 -42.33 -0.93
C GLU A 340 0.75 -42.21 0.18
N GLN A 341 2.03 -42.13 -0.17
CA GLN A 341 3.07 -41.97 0.85
C GLN A 341 3.07 -40.54 1.39
N LYS A 342 2.62 -39.58 0.57
CA LYS A 342 2.44 -38.19 0.98
C LYS A 342 1.20 -38.02 1.84
N ALA A 343 0.08 -38.56 1.40
CA ALA A 343 -1.12 -38.51 2.24
C ALA A 343 -0.88 -39.14 3.60
N CYS A 344 -0.15 -40.27 3.68
CA CYS A 344 0.16 -40.88 4.99
C CYS A 344 1.06 -39.98 5.86
N LYS A 345 2.02 -39.30 5.26
CA LYS A 345 2.74 -38.32 6.07
C LYS A 345 1.77 -37.31 6.66
N VAL A 346 0.91 -36.70 5.84
CA VAL A 346 0.02 -35.70 6.41
C VAL A 346 -0.88 -36.32 7.46
N LEU A 347 -1.49 -37.45 7.15
CA LEU A 347 -2.40 -38.04 8.13
C LEU A 347 -1.67 -38.43 9.42
N GLY A 348 -0.48 -39.01 9.30
CA GLY A 348 0.29 -39.23 10.51
C GLY A 348 0.56 -37.96 11.30
N ILE A 349 0.94 -36.88 10.61
CA ILE A 349 1.25 -35.66 11.33
C ILE A 349 -0.01 -34.84 11.61
N VAL A 350 -1.18 -35.30 11.19
CA VAL A 350 -2.44 -34.70 11.63
C VAL A 350 -3.05 -35.48 12.75
N PHE A 351 -2.96 -36.80 12.65
CA PHE A 351 -3.38 -37.64 13.76
C PHE A 351 -2.59 -37.29 15.00
N PHE A 352 -1.25 -37.27 14.86
CA PHE A 352 -0.35 -37.17 15.99
C PHE A 352 -0.51 -35.83 16.70
N LEU A 353 -0.60 -34.75 15.95
CA LEU A 353 -0.78 -33.45 16.58
C LEU A 353 -2.15 -33.35 17.26
N PHE A 354 -3.15 -34.03 16.74
CA PHE A 354 -4.48 -34.00 17.36
C PHE A 354 -4.53 -34.81 18.64
N VAL A 355 -3.92 -35.98 18.63
CA VAL A 355 -3.78 -36.78 19.84
C VAL A 355 -2.88 -36.08 20.86
N VAL A 356 -1.77 -35.51 20.41
CA VAL A 356 -0.84 -35.02 21.42
C VAL A 356 -1.32 -33.70 22.03
N MET A 357 -2.31 -33.04 21.47
CA MET A 357 -2.70 -31.77 22.06
C MET A 357 -3.96 -31.87 22.91
N TRP A 358 -4.85 -32.82 22.59
CA TRP A 358 -6.05 -33.00 23.39
C TRP A 358 -5.73 -33.87 24.59
N CYS A 359 -4.74 -34.76 24.45
CA CYS A 359 -4.33 -35.63 25.54
C CYS A 359 -4.03 -34.98 26.88
N PRO A 360 -3.48 -33.78 26.99
CA PRO A 360 -3.30 -33.24 28.34
C PRO A 360 -4.62 -33.00 29.03
N PHE A 361 -5.54 -32.33 28.34
CA PHE A 361 -6.85 -32.03 28.91
C PHE A 361 -7.55 -33.28 29.43
N PHE A 362 -7.59 -34.33 28.61
CA PHE A 362 -8.30 -35.54 29.00
C PHE A 362 -7.58 -36.30 30.09
N ILE A 363 -6.25 -36.31 30.10
CA ILE A 363 -5.55 -37.02 31.16
C ILE A 363 -5.84 -36.36 32.51
N THR A 364 -5.87 -35.02 32.56
CA THR A 364 -6.08 -34.40 33.87
C THR A 364 -7.57 -34.27 34.18
N ASN A 365 -8.43 -34.43 33.17
CA ASN A 365 -9.87 -34.47 33.37
C ASN A 365 -10.24 -35.68 34.20
N ILE A 366 -9.81 -36.86 33.73
CA ILE A 366 -9.90 -38.12 34.47
C ILE A 366 -9.24 -37.98 35.84
N MET A 367 -8.06 -37.35 35.89
CA MET A 367 -7.34 -37.16 37.15
C MET A 367 -8.17 -36.38 38.15
N ALA A 368 -8.95 -35.43 37.66
CA ALA A 368 -9.87 -34.70 38.52
C ALA A 368 -10.83 -35.62 39.28
N VAL A 369 -11.06 -36.84 38.81
CA VAL A 369 -12.10 -37.70 39.36
C VAL A 369 -11.47 -38.98 39.84
N ILE A 370 -10.42 -39.44 39.14
CA ILE A 370 -9.67 -40.60 39.59
C ILE A 370 -8.73 -40.22 40.73
N CYS A 371 -8.43 -38.94 40.92
CA CYS A 371 -7.65 -38.57 42.08
C CYS A 371 -8.43 -37.54 42.87
N LYS A 372 -9.71 -37.84 43.11
CA LYS A 372 -10.63 -36.91 43.77
C LYS A 372 -10.23 -36.65 45.21
N GLU A 373 -9.76 -37.67 45.93
CA GLU A 373 -9.49 -37.52 47.34
C GLU A 373 -8.13 -36.88 47.65
N SER A 374 -7.13 -37.04 46.77
CA SER A 374 -5.79 -36.59 47.09
C SER A 374 -5.34 -35.35 46.33
N CYS A 375 -5.87 -35.12 45.13
CA CYS A 375 -5.43 -33.97 44.35
C CYS A 375 -5.91 -32.65 44.95
N ASN A 376 -5.24 -31.56 44.58
CA ASN A 376 -5.68 -30.21 44.91
C ASN A 376 -6.43 -29.65 43.71
N GLU A 377 -7.76 -29.63 43.80
CA GLU A 377 -8.48 -29.35 42.57
C GLU A 377 -8.63 -27.87 42.29
N ASP A 378 -8.02 -27.00 43.09
CA ASP A 378 -7.71 -25.66 42.62
C ASP A 378 -6.58 -25.72 41.59
N VAL A 379 -5.65 -26.65 41.78
CA VAL A 379 -4.57 -26.80 40.82
C VAL A 379 -5.06 -27.57 39.59
N ILE A 380 -5.77 -28.69 39.78
CA ILE A 380 -6.28 -29.43 38.62
C ILE A 380 -7.18 -28.56 37.75
N GLY A 381 -8.09 -27.81 38.37
CA GLY A 381 -8.86 -26.86 37.59
C GLY A 381 -7.99 -25.86 36.87
N ALA A 382 -6.92 -25.39 37.52
CA ALA A 382 -6.02 -24.48 36.84
C ALA A 382 -5.37 -25.16 35.67
N LEU A 383 -4.80 -26.33 35.90
CA LEU A 383 -4.24 -27.12 34.82
C LEU A 383 -5.27 -27.42 33.72
N LEU A 384 -6.49 -27.80 34.12
CA LEU A 384 -7.57 -28.07 33.18
C LEU A 384 -7.90 -26.83 32.35
N ASN A 385 -7.79 -25.64 32.97
CA ASN A 385 -8.15 -24.37 32.32
C ASN A 385 -7.32 -24.15 31.08
N VAL A 386 -6.07 -24.56 31.16
CA VAL A 386 -5.06 -24.28 30.16
C VAL A 386 -4.79 -25.47 29.27
N PHE A 387 -5.22 -26.66 29.65
CA PHE A 387 -4.97 -27.76 28.75
C PHE A 387 -6.07 -27.87 27.72
N VAL A 388 -7.17 -27.16 27.94
CA VAL A 388 -8.17 -27.13 26.92
C VAL A 388 -7.72 -26.20 25.80
N TRP A 389 -7.00 -25.14 26.14
CA TRP A 389 -6.53 -24.24 25.06
C TRP A 389 -5.24 -24.71 24.41
N ILE A 390 -4.43 -25.55 25.05
CA ILE A 390 -3.55 -26.36 24.24
C ILE A 390 -4.37 -27.19 23.25
N GLY A 391 -5.44 -27.82 23.75
CA GLY A 391 -6.20 -28.75 22.93
C GLY A 391 -7.08 -28.05 21.92
N TYR A 392 -7.63 -26.89 22.30
CA TYR A 392 -8.48 -26.14 21.39
C TYR A 392 -7.69 -25.63 20.20
N ALA A 393 -6.36 -25.58 20.28
CA ALA A 393 -5.53 -25.15 19.16
C ALA A 393 -5.05 -26.32 18.32
N SER A 394 -5.60 -27.51 18.51
CA SER A 394 -5.43 -28.55 17.50
C SER A 394 -6.45 -28.41 16.38
N SER A 395 -7.44 -27.56 16.61
CA SER A 395 -8.46 -27.26 15.63
C SER A 395 -7.97 -26.29 14.56
N ALA A 396 -6.85 -25.63 14.80
CA ALA A 396 -6.21 -24.75 13.82
C ALA A 396 -5.07 -25.41 13.11
N VAL A 397 -4.63 -26.55 13.59
CA VAL A 397 -3.40 -27.12 13.07
C VAL A 397 -3.66 -27.75 11.74
N ASN A 398 -4.89 -28.14 11.50
CA ASN A 398 -5.15 -28.94 10.32
C ASN A 398 -4.82 -28.14 9.07
N PRO A 399 -5.38 -26.95 8.84
CA PRO A 399 -5.14 -26.31 7.55
C PRO A 399 -3.69 -26.02 7.34
N LEU A 400 -2.96 -25.66 8.39
CA LEU A 400 -1.54 -25.42 8.20
C LEU A 400 -0.83 -26.69 7.75
N VAL A 401 -1.16 -27.86 8.32
CA VAL A 401 -0.50 -29.04 7.80
C VAL A 401 -0.75 -29.17 6.30
N TYR A 402 -1.98 -28.88 5.85
CA TYR A 402 -2.31 -29.10 4.45
C TYR A 402 -1.49 -28.22 3.54
N THR A 403 -1.46 -26.91 3.81
CA THR A 403 -0.67 -26.02 2.99
C THR A 403 0.79 -26.43 3.00
N LEU A 404 1.31 -26.77 4.18
CA LEU A 404 2.71 -27.16 4.25
C LEU A 404 3.01 -28.37 3.38
N PHE A 405 2.10 -29.33 3.31
CA PHE A 405 2.41 -30.58 2.63
C PHE A 405 1.49 -30.94 1.48
N ASN A 406 0.60 -30.06 1.02
CA ASN A 406 -0.26 -30.38 -0.13
C ASN A 406 -0.30 -29.22 -1.11
N LYS A 407 0.43 -29.37 -2.21
CA LYS A 407 0.53 -28.27 -3.18
C LYS A 407 -0.82 -27.85 -3.69
N THR A 408 -1.78 -28.79 -3.78
CA THR A 408 -3.14 -28.45 -4.23
C THR A 408 -3.86 -27.55 -3.22
N TYR A 409 -3.70 -27.84 -1.91
CA TYR A 409 -4.32 -27.01 -0.87
C TYR A 409 -3.70 -25.63 -0.82
N ARG A 410 -2.36 -25.56 -0.92
CA ARG A 410 -1.65 -24.30 -0.81
C ARG A 410 -2.13 -23.28 -1.84
N SER A 411 -2.22 -23.71 -3.10
CA SER A 411 -2.57 -22.77 -4.17
C SER A 411 -3.98 -22.23 -4.03
N ALA A 412 -4.93 -23.05 -3.58
CA ALA A 412 -6.32 -22.59 -3.53
C ALA A 412 -6.53 -21.61 -2.38
N PHE A 413 -5.91 -21.85 -1.23
CA PHE A 413 -6.14 -20.98 -0.09
C PHE A 413 -5.74 -19.55 -0.38
N SER A 414 -4.57 -19.34 -0.99
CA SER A 414 -4.15 -18.00 -1.37
C SER A 414 -5.11 -17.42 -2.40
N ARG A 415 -5.51 -18.23 -3.40
CA ARG A 415 -6.50 -17.78 -4.37
C ARG A 415 -7.83 -17.42 -3.69
N TYR A 416 -8.24 -18.17 -2.65
CA TYR A 416 -9.40 -17.77 -1.87
C TYR A 416 -9.12 -16.55 -1.00
N ILE A 417 -7.90 -16.48 -0.45
CA ILE A 417 -7.46 -15.32 0.34
C ILE A 417 -7.46 -14.08 -0.53
N GLN A 418 -6.86 -14.17 -1.71
CA GLN A 418 -6.90 -13.08 -2.68
C GLN A 418 -8.25 -12.97 -3.38
N CYS A 419 -9.21 -13.85 -3.08
CA CYS A 419 -10.59 -13.97 -3.59
C CYS A 419 -10.71 -14.52 -5.01
N GLN A 420 -9.61 -14.91 -5.65
CA GLN A 420 -9.69 -15.58 -6.94
C GLN A 420 -10.38 -16.92 -6.78
N TYR A 421 -11.25 -17.25 -7.74
CA TYR A 421 -11.99 -18.50 -7.71
C TYR A 421 -11.02 -19.68 -7.76
N HIS B 31 1.29 35.86 21.37
CA HIS B 31 0.52 35.64 22.59
C HIS B 31 -0.50 34.51 22.40
N LEU B 32 -1.58 34.83 21.69
CA LEU B 32 -2.50 33.83 21.22
C LEU B 32 -2.28 33.48 19.74
N GLN B 33 -1.46 34.26 19.02
CA GLN B 33 -1.22 33.96 17.61
C GLN B 33 -0.33 32.73 17.44
N GLU B 34 0.49 32.40 18.45
CA GLU B 34 1.20 31.13 18.41
C GLU B 34 0.21 29.97 18.44
N LYS B 35 -0.85 30.07 19.25
CA LYS B 35 -1.84 29.00 19.34
C LYS B 35 -2.66 28.89 18.06
N ASN B 36 -2.87 30.02 17.35
CA ASN B 36 -3.54 29.95 16.06
C ASN B 36 -2.65 29.32 15.00
N TRP B 37 -1.33 29.55 15.06
CA TRP B 37 -0.40 28.85 14.18
C TRP B 37 -0.17 27.42 14.63
N SER B 38 -0.18 27.17 15.94
CA SER B 38 -0.15 25.79 16.41
C SER B 38 -1.42 25.05 16.02
N ALA B 39 -2.59 25.63 16.23
CA ALA B 39 -3.83 24.99 15.83
C ALA B 39 -3.82 24.58 14.36
N LEU B 40 -3.22 25.42 13.51
CA LEU B 40 -3.21 25.13 12.08
C LEU B 40 -2.17 24.09 11.71
N LEU B 41 -1.02 24.13 12.39
CA LEU B 41 -0.01 23.11 12.14
C LEU B 41 -0.51 21.72 12.50
N THR B 42 -1.27 21.58 13.61
CA THR B 42 -1.81 20.27 13.93
C THR B 42 -2.87 19.85 12.92
N ALA B 43 -3.74 20.79 12.52
CA ALA B 43 -4.77 20.47 11.53
C ALA B 43 -4.18 20.18 10.14
N VAL B 44 -3.00 20.72 9.83
CA VAL B 44 -2.34 20.39 8.58
C VAL B 44 -1.79 18.97 8.60
N VAL B 45 -1.14 18.59 9.71
CA VAL B 45 -0.56 17.26 9.84
C VAL B 45 -1.64 16.19 9.75
N ILE B 46 -2.81 16.47 10.32
CA ILE B 46 -3.90 15.48 10.35
C ILE B 46 -4.40 15.14 8.94
N ILE B 47 -4.77 16.16 8.15
CA ILE B 47 -5.31 15.89 6.81
C ILE B 47 -4.25 15.34 5.87
N LEU B 48 -3.03 15.87 5.93
CA LEU B 48 -1.96 15.33 5.08
C LEU B 48 -1.65 13.89 5.42
N THR B 49 -1.67 13.55 6.72
CA THR B 49 -1.53 12.16 7.13
C THR B 49 -2.72 11.34 6.63
N ILE B 50 -3.94 11.83 6.89
CA ILE B 50 -5.16 11.14 6.49
C ILE B 50 -5.23 10.99 4.97
N ALA B 51 -5.09 12.07 4.20
CA ALA B 51 -5.20 11.91 2.76
C ALA B 51 -3.95 11.30 2.15
N GLY B 52 -2.76 11.77 2.55
CA GLY B 52 -1.55 11.21 1.98
C GLY B 52 -1.48 9.69 2.13
N ASN B 53 -1.71 9.17 3.36
CA ASN B 53 -1.61 7.73 3.59
C ASN B 53 -2.84 6.97 3.09
N ILE B 54 -3.96 7.66 2.83
CA ILE B 54 -5.02 7.07 2.03
C ILE B 54 -4.56 6.89 0.60
N LEU B 55 -3.93 7.92 0.03
CA LEU B 55 -3.45 7.82 -1.33
C LEU B 55 -2.47 6.65 -1.50
N VAL B 56 -1.55 6.44 -0.56
CA VAL B 56 -0.63 5.33 -0.70
C VAL B 56 -1.41 4.03 -0.52
N ILE B 57 -2.33 4.03 0.45
CA ILE B 57 -3.17 2.85 0.67
C ILE B 57 -3.96 2.55 -0.59
N MET B 58 -4.43 3.61 -1.27
CA MET B 58 -5.20 3.48 -2.51
C MET B 58 -4.31 3.09 -3.69
N ALA B 59 -3.23 3.85 -3.92
CA ALA B 59 -2.44 3.65 -5.14
C ALA B 59 -1.91 2.23 -5.25
N VAL B 60 -1.33 1.69 -4.17
CA VAL B 60 -0.58 0.44 -4.28
C VAL B 60 -1.46 -0.67 -4.82
N SER B 61 -2.69 -0.77 -4.33
CA SER B 61 -3.62 -1.73 -4.90
C SER B 61 -3.84 -1.46 -6.39
N LEU B 62 -4.03 -0.19 -6.75
CA LEU B 62 -4.46 0.14 -8.11
C LEU B 62 -3.35 -0.06 -9.14
N GLU B 63 -2.11 0.29 -8.80
CA GLU B 63 -1.01 0.23 -9.76
C GLU B 63 -0.14 -0.98 -9.49
N LYS B 64 -0.08 -1.90 -10.46
CA LYS B 64 0.63 -3.16 -10.29
C LYS B 64 2.14 -3.02 -10.38
N LYS B 65 2.67 -1.86 -10.78
CA LYS B 65 4.11 -1.70 -10.92
C LYS B 65 4.81 -1.79 -9.55
N LEU B 66 4.09 -1.44 -8.49
CA LEU B 66 4.64 -1.37 -7.13
C LEU B 66 4.05 -2.43 -6.21
N GLN B 67 3.67 -3.57 -6.77
CA GLN B 67 2.95 -4.60 -6.04
C GLN B 67 3.90 -5.59 -5.38
N ASN B 68 5.18 -5.27 -5.35
CA ASN B 68 6.17 -6.15 -4.78
C ASN B 68 6.03 -6.23 -3.26
N ALA B 69 6.86 -7.11 -2.70
CA ALA B 69 6.85 -7.34 -1.25
C ALA B 69 7.19 -6.07 -0.50
N THR B 70 8.29 -5.42 -0.88
CA THR B 70 8.82 -4.30 -0.11
C THR B 70 7.83 -3.16 -0.02
N ASN B 71 7.16 -2.84 -1.13
CA ASN B 71 6.14 -1.79 -1.13
C ASN B 71 4.83 -2.23 -0.52
N TYR B 72 4.59 -3.54 -0.38
CA TYR B 72 3.37 -3.98 0.26
C TYR B 72 3.36 -3.66 1.76
N PHE B 73 4.50 -3.81 2.43
CA PHE B 73 4.66 -3.31 3.80
C PHE B 73 4.20 -1.87 3.88
N LEU B 74 4.70 -1.03 2.99
CA LEU B 74 4.40 0.38 3.03
C LEU B 74 2.91 0.63 2.87
N MET B 75 2.22 -0.24 2.14
CA MET B 75 0.77 -0.10 2.06
C MET B 75 0.12 -0.22 3.44
N SER B 76 0.53 -1.23 4.21
CA SER B 76 -0.03 -1.41 5.54
C SER B 76 0.39 -0.26 6.44
N LEU B 77 1.69 0.07 6.43
CA LEU B 77 2.20 1.19 7.21
C LEU B 77 1.38 2.44 7.00
N ALA B 78 1.06 2.76 5.75
CA ALA B 78 0.18 3.89 5.48
C ALA B 78 -1.15 3.73 6.19
N ILE B 79 -1.71 2.51 6.17
CA ILE B 79 -2.93 2.24 6.92
C ILE B 79 -2.72 2.50 8.40
N ALA B 80 -1.58 2.07 8.93
CA ALA B 80 -1.23 2.35 10.33
C ALA B 80 -0.98 3.82 10.56
N ASP B 81 -0.33 4.48 9.61
CA ASP B 81 -0.20 5.93 9.68
C ASP B 81 -1.55 6.59 9.43
N MET B 82 -2.41 5.98 8.62
CA MET B 82 -3.71 6.57 8.40
C MET B 82 -4.57 6.47 9.65
N LEU B 83 -4.61 5.30 10.28
CA LEU B 83 -5.48 5.07 11.43
C LEU B 83 -5.09 5.95 12.59
N LEU B 84 -3.79 6.08 12.83
CA LEU B 84 -3.27 7.04 13.79
C LEU B 84 -3.74 8.45 13.46
N GLY B 85 -3.56 8.88 12.22
CA GLY B 85 -4.02 10.20 11.83
C GLY B 85 -5.49 10.44 12.12
N PHE B 86 -6.33 9.41 11.91
CA PHE B 86 -7.78 9.57 12.06
C PHE B 86 -8.29 9.37 13.47
N LEU B 87 -7.80 8.35 14.15
CA LEU B 87 -8.42 8.05 15.44
C LEU B 87 -7.72 8.77 16.60
N VAL B 88 -6.40 8.89 16.55
CA VAL B 88 -5.63 9.39 17.68
C VAL B 88 -5.33 10.87 17.55
N MET B 89 -5.05 11.34 16.36
CA MET B 89 -4.54 12.69 16.23
C MET B 89 -5.64 13.73 16.50
N PRO B 90 -6.89 13.54 16.05
CA PRO B 90 -7.88 14.60 16.29
C PRO B 90 -8.08 14.86 17.76
N VAL B 91 -8.10 13.80 18.58
CA VAL B 91 -8.25 13.94 20.02
C VAL B 91 -7.05 14.67 20.61
N SER B 92 -5.83 14.29 20.19
CA SER B 92 -4.63 15.02 20.61
C SER B 92 -4.72 16.50 20.31
N MET B 93 -5.12 16.85 19.08
CA MET B 93 -5.42 18.24 18.76
C MET B 93 -6.50 18.78 19.70
N LEU B 94 -7.54 17.99 19.97
CA LEU B 94 -8.64 18.45 20.83
C LEU B 94 -8.16 18.61 22.28
N THR B 95 -7.38 17.64 22.77
CA THR B 95 -6.76 17.77 24.09
C THR B 95 -5.90 19.00 24.19
N ILE B 96 -5.12 19.30 23.15
CA ILE B 96 -4.42 20.58 23.08
C ILE B 96 -5.42 21.74 23.01
N LEU B 97 -6.55 21.53 22.30
CA LEU B 97 -7.54 22.59 22.11
C LEU B 97 -8.32 22.91 23.39
N TYR B 98 -8.46 21.97 24.31
CA TYR B 98 -9.12 22.24 25.58
C TYR B 98 -8.15 22.57 26.71
N GLY B 99 -6.89 22.87 26.39
CA GLY B 99 -5.92 23.17 27.42
C GLY B 99 -5.29 21.98 28.13
N TYR B 100 -5.46 20.77 27.61
CA TYR B 100 -5.01 19.49 28.16
C TYR B 100 -5.93 19.00 29.26
N ARG B 101 -7.03 19.69 29.53
CA ARG B 101 -8.07 19.09 30.36
C ARG B 101 -8.84 18.10 29.49
N TRP B 102 -8.74 16.80 29.79
CA TRP B 102 -9.41 15.77 29.00
C TRP B 102 -10.89 16.11 28.82
N PRO B 103 -11.38 16.23 27.59
CA PRO B 103 -12.76 16.67 27.38
C PRO B 103 -13.73 15.52 27.19
N LEU B 104 -13.24 14.29 27.10
CA LEU B 104 -14.08 13.12 26.85
C LEU B 104 -14.38 12.39 28.16
N PRO B 105 -15.23 11.37 28.15
CA PRO B 105 -15.38 10.54 29.36
C PRO B 105 -14.11 9.83 29.78
N SER B 106 -13.96 9.71 31.12
CA SER B 106 -12.76 9.15 31.70
C SER B 106 -12.40 7.83 31.04
N LYS B 107 -13.41 7.09 30.56
CA LYS B 107 -13.14 5.78 29.99
C LYS B 107 -12.21 5.85 28.79
N LEU B 108 -12.42 6.81 27.88
CA LEU B 108 -11.68 6.81 26.62
C LEU B 108 -10.25 7.30 26.74
N CYS B 109 -9.79 7.76 27.90
CA CYS B 109 -8.40 8.18 27.99
C CYS B 109 -7.47 7.03 27.62
N ALA B 110 -7.70 5.85 28.18
CA ALA B 110 -6.80 4.75 27.89
C ALA B 110 -7.07 4.16 26.52
N VAL B 111 -8.31 4.25 26.05
CA VAL B 111 -8.63 3.76 24.71
C VAL B 111 -7.85 4.56 23.68
N TRP B 112 -7.89 5.90 23.83
CA TRP B 112 -7.15 6.81 22.96
C TRP B 112 -5.65 6.54 23.04
N ILE B 113 -5.12 6.33 24.26
CA ILE B 113 -3.72 5.98 24.42
C ILE B 113 -3.39 4.65 23.74
N TYR B 114 -4.19 3.61 24.02
CA TYR B 114 -3.90 2.28 23.49
C TYR B 114 -3.73 2.35 21.97
N LEU B 115 -4.68 3.00 21.29
CA LEU B 115 -4.60 3.15 19.84
C LEU B 115 -3.33 3.86 19.44
N ASP B 116 -3.04 4.99 20.07
CA ASP B 116 -1.81 5.74 19.79
C ASP B 116 -0.57 4.88 19.92
N VAL B 117 -0.48 4.07 20.98
CA VAL B 117 0.70 3.24 21.11
C VAL B 117 0.65 1.96 20.28
N LEU B 118 -0.52 1.56 19.78
CA LEU B 118 -0.57 0.49 18.78
C LEU B 118 -0.02 0.95 17.44
N PHE B 119 -0.47 2.10 16.96
CA PHE B 119 0.01 2.54 15.68
C PHE B 119 1.40 3.18 15.77
N SER B 120 1.75 3.79 16.90
CA SER B 120 3.16 4.19 17.07
C SER B 120 4.05 2.96 17.00
N THR B 121 3.63 1.87 17.64
CA THR B 121 4.40 0.63 17.54
C THR B 121 4.32 0.03 16.16
N ALA B 122 3.10 -0.09 15.62
CA ALA B 122 2.88 -0.69 14.30
C ALA B 122 3.75 -0.02 13.23
N SER B 123 3.75 1.31 13.17
CA SER B 123 4.60 1.98 12.20
C SER B 123 6.06 1.63 12.42
N ILE B 124 6.58 1.74 13.64
CA ILE B 124 8.01 1.51 13.77
C ILE B 124 8.35 0.06 13.49
N MET B 125 7.46 -0.88 13.84
CA MET B 125 7.81 -2.28 13.61
C MET B 125 7.89 -2.63 12.13
N HIS B 126 7.00 -2.07 11.31
CA HIS B 126 7.14 -2.22 9.86
C HIS B 126 8.52 -1.85 9.40
N LEU B 127 9.07 -0.77 9.95
CA LEU B 127 10.38 -0.29 9.53
C LEU B 127 11.44 -1.27 9.97
N CYS B 128 11.29 -1.78 11.20
CA CYS B 128 12.19 -2.82 11.68
C CYS B 128 11.98 -4.10 10.91
N ALA B 129 10.73 -4.50 10.64
CA ALA B 129 10.48 -5.72 9.88
C ALA B 129 11.08 -5.65 8.49
N ILE B 130 10.96 -4.51 7.81
CA ILE B 130 11.38 -4.42 6.42
C ILE B 130 12.87 -4.68 6.30
N SER B 131 13.69 -4.17 7.22
CA SER B 131 15.13 -4.42 7.17
C SER B 131 15.50 -5.87 7.50
N LEU B 132 14.63 -6.61 8.18
CA LEU B 132 14.77 -8.06 8.23
C LEU B 132 14.57 -8.67 6.83
N ASP B 133 13.51 -8.25 6.14
CA ASP B 133 13.25 -8.76 4.81
C ASP B 133 14.35 -8.40 3.82
N ARG B 134 15.17 -7.39 4.13
CA ARG B 134 16.31 -7.06 3.28
C ARG B 134 17.43 -8.06 3.47
N TYR B 135 17.55 -8.66 4.65
CA TYR B 135 18.47 -9.79 4.81
C TYR B 135 17.94 -11.04 4.12
N VAL B 136 16.62 -11.26 4.18
CA VAL B 136 16.00 -12.43 3.56
C VAL B 136 16.38 -12.52 2.08
N ALA B 137 16.28 -11.40 1.37
CA ALA B 137 16.78 -11.36 0.01
C ALA B 137 18.30 -11.56 -0.02
N ILE B 138 19.02 -10.98 0.95
CA ILE B 138 20.47 -10.93 0.85
C ILE B 138 21.08 -12.30 1.03
N GLN B 139 20.53 -13.10 1.97
CA GLN B 139 21.25 -14.25 2.54
C GLN B 139 21.68 -15.24 1.46
N ASN B 140 20.74 -15.64 0.60
CA ASN B 140 21.01 -16.43 -0.63
C ASN B 140 19.76 -16.60 -1.52
N ASN B 148 3.31 -15.93 -4.93
CA ASN B 148 4.13 -16.40 -3.82
C ASN B 148 4.76 -15.25 -3.07
N SER B 149 5.73 -14.56 -3.69
CA SER B 149 6.35 -13.40 -3.05
C SER B 149 5.30 -12.36 -2.64
N ARG B 150 4.26 -12.18 -3.46
CA ARG B 150 3.17 -11.27 -3.11
C ARG B 150 2.38 -11.76 -1.91
N THR B 151 2.06 -13.06 -1.86
CA THR B 151 1.21 -13.56 -0.76
C THR B 151 1.98 -13.76 0.54
N LYS B 152 3.24 -14.22 0.49
CA LYS B 152 4.03 -14.37 1.71
C LYS B 152 4.39 -13.01 2.30
N ALA B 153 4.56 -12.00 1.43
CA ALA B 153 4.74 -10.62 1.88
C ALA B 153 3.47 -10.09 2.52
N PHE B 154 2.30 -10.54 2.06
CA PHE B 154 1.07 -10.26 2.83
C PHE B 154 1.17 -10.89 4.20
N LEU B 155 1.68 -12.12 4.29
CA LEU B 155 1.68 -12.83 5.56
C LEU B 155 2.66 -12.20 6.54
N LYS B 156 3.76 -11.66 6.03
CA LYS B 156 4.76 -11.06 6.92
C LYS B 156 4.22 -9.83 7.65
N ILE B 157 3.27 -9.09 7.04
CA ILE B 157 2.67 -7.93 7.70
C ILE B 157 1.64 -8.34 8.76
N ILE B 158 0.78 -9.35 8.47
CA ILE B 158 -0.22 -9.81 9.44
C ILE B 158 0.45 -10.41 10.67
N ALA B 159 1.54 -11.13 10.46
CA ALA B 159 2.34 -11.56 11.60
C ALA B 159 2.95 -10.36 12.32
N VAL B 160 3.35 -9.31 11.58
CA VAL B 160 3.98 -8.12 12.19
C VAL B 160 2.97 -7.35 13.04
N TRP B 161 1.74 -7.22 12.55
CA TRP B 161 0.73 -6.49 13.29
C TRP B 161 0.55 -7.05 14.70
N THR B 162 0.62 -8.37 14.86
CA THR B 162 0.35 -8.97 16.15
C THR B 162 1.30 -8.44 17.21
N ILE B 163 2.61 -8.40 16.91
CA ILE B 163 3.62 -7.90 17.85
C ILE B 163 3.17 -6.59 18.46
N SER B 164 2.74 -5.66 17.60
CA SER B 164 2.23 -4.39 18.04
C SER B 164 1.01 -4.57 18.94
N VAL B 165 0.07 -5.45 18.57
CA VAL B 165 -1.07 -5.72 19.46
C VAL B 165 -0.61 -6.47 20.72
N GLY B 166 0.44 -7.29 20.58
CA GLY B 166 1.04 -7.93 21.73
C GLY B 166 1.60 -6.94 22.73
N ILE B 167 2.37 -5.96 22.24
CA ILE B 167 2.97 -4.95 23.12
C ILE B 167 2.03 -3.75 23.41
N SER B 168 0.83 -3.73 22.82
CA SER B 168 -0.20 -2.72 23.13
C SER B 168 -1.30 -3.23 24.02
N MET B 169 -1.23 -4.49 24.43
CA MET B 169 -2.21 -5.05 25.37
C MET B 169 -2.24 -4.37 26.75
N PRO B 170 -1.11 -3.98 27.37
CA PRO B 170 -1.19 -3.57 28.78
C PRO B 170 -2.06 -2.36 29.10
N ILE B 171 -2.25 -1.39 28.19
CA ILE B 171 -2.88 -0.11 28.57
C ILE B 171 -4.33 -0.25 29.06
N PRO B 172 -5.27 -0.86 28.29
CA PRO B 172 -6.66 -0.82 28.78
C PRO B 172 -6.86 -1.49 30.13
N VAL B 173 -6.12 -2.57 30.40
CA VAL B 173 -6.15 -3.22 31.72
C VAL B 173 -5.52 -2.31 32.77
N PHE B 174 -4.48 -1.57 32.37
CA PHE B 174 -3.92 -0.54 33.25
C PHE B 174 -4.90 0.63 33.43
N GLY B 175 -5.71 0.93 32.39
CA GLY B 175 -6.61 2.08 32.47
C GLY B 175 -7.86 1.84 33.29
N LEU B 176 -8.40 0.62 33.23
CA LEU B 176 -9.58 0.29 34.03
C LEU B 176 -9.29 0.45 35.51
N GLN B 177 -8.21 -0.17 35.98
CA GLN B 177 -7.73 -0.03 37.36
C GLN B 177 -6.43 -0.80 37.56
N SER B 180 -6.05 4.08 38.05
CA SER B 180 -5.73 5.11 37.06
C SER B 180 -4.28 5.58 37.16
N LYS B 181 -3.40 4.80 36.50
CA LYS B 181 -2.04 5.19 36.12
C LYS B 181 -1.99 5.64 34.66
N VAL B 182 -3.14 6.04 34.12
CA VAL B 182 -3.30 6.62 32.80
C VAL B 182 -3.67 8.10 32.90
N PHE B 183 -3.67 8.66 34.12
CA PHE B 183 -4.06 10.04 34.36
C PHE B 183 -2.98 10.70 35.22
N LYS B 184 -2.84 12.02 35.06
CA LYS B 184 -1.83 12.81 35.75
C LYS B 184 -2.28 14.26 35.73
N GLU B 185 -2.45 14.87 36.92
CA GLU B 185 -2.77 16.30 37.09
C GLU B 185 -3.87 16.80 36.16
N GLY B 186 -4.91 15.99 35.96
CA GLY B 186 -6.08 16.46 35.25
C GLY B 186 -6.04 16.28 33.75
N SER B 187 -4.90 15.87 33.21
CA SER B 187 -4.68 15.65 31.79
C SER B 187 -4.44 14.18 31.55
N CYS B 188 -4.68 13.74 30.32
CA CYS B 188 -4.67 12.33 29.99
C CYS B 188 -3.32 12.01 29.34
N LEU B 189 -2.57 11.09 29.95
CA LEU B 189 -1.27 10.69 29.43
C LEU B 189 -0.83 9.44 30.17
N LEU B 190 0.11 8.71 29.56
CA LEU B 190 0.70 7.55 30.23
C LEU B 190 1.44 7.98 31.46
N ALA B 191 0.87 7.65 32.61
CA ALA B 191 1.45 8.04 33.88
C ALA B 191 2.28 6.95 34.55
N ASP B 192 2.03 5.67 34.26
CA ASP B 192 2.80 4.57 34.85
C ASP B 192 4.25 4.61 34.39
N ASP B 193 5.19 4.62 35.36
CA ASP B 193 6.61 4.65 35.06
C ASP B 193 7.01 3.46 34.21
N ASN B 194 6.61 2.26 34.63
CA ASN B 194 7.25 1.09 34.08
C ASN B 194 6.60 0.65 32.76
N PHE B 195 5.43 1.18 32.39
CA PHE B 195 5.12 1.04 30.96
C PHE B 195 5.88 2.07 30.14
N VAL B 196 6.12 3.24 30.73
CA VAL B 196 6.88 4.27 30.02
C VAL B 196 8.30 3.79 29.71
N LEU B 197 9.02 3.28 30.71
CA LEU B 197 10.41 2.88 30.45
C LEU B 197 10.48 1.63 29.57
N ILE B 198 9.57 0.69 29.79
CA ILE B 198 9.52 -0.51 28.96
C ILE B 198 8.93 -0.21 27.60
N GLY B 199 7.77 0.44 27.55
CA GLY B 199 7.16 0.76 26.29
C GLY B 199 8.10 1.52 25.38
N SER B 200 8.64 2.63 25.86
CA SER B 200 9.47 3.42 24.97
C SER B 200 10.77 2.71 24.61
N PHE B 201 11.24 1.80 25.45
CA PHE B 201 12.42 1.07 25.02
C PHE B 201 12.11 -0.10 24.12
N VAL B 202 10.97 -0.75 24.31
CA VAL B 202 10.61 -1.85 23.43
C VAL B 202 10.13 -1.32 22.10
N SER B 203 9.08 -0.53 22.10
CA SER B 203 8.46 -0.13 20.84
C SER B 203 8.99 1.22 20.29
N PHE B 204 10.12 1.74 20.80
CA PHE B 204 10.97 2.59 19.97
C PHE B 204 12.44 2.15 19.95
N PHE B 205 13.14 2.27 21.09
CA PHE B 205 14.61 2.26 21.04
C PHE B 205 15.21 0.97 20.51
N ILE B 206 14.59 -0.18 20.78
CA ILE B 206 15.23 -1.39 20.28
C ILE B 206 15.09 -1.37 18.76
N PRO B 207 13.87 -1.23 18.19
CA PRO B 207 13.76 -1.23 16.73
C PRO B 207 14.59 -0.17 16.07
N ALA B 208 14.63 1.03 16.61
CA ALA B 208 15.48 2.04 16.02
C ALA B 208 16.92 1.55 15.95
N THR B 209 17.35 0.76 16.93
CA THR B 209 18.70 0.18 16.87
C THR B 209 18.76 -0.95 15.86
N ILE B 210 17.64 -1.64 15.67
CA ILE B 210 17.56 -2.68 14.66
C ILE B 210 17.83 -2.09 13.26
N MET B 211 16.98 -1.17 12.80
CA MET B 211 17.09 -0.70 11.42
C MET B 211 18.39 0.06 11.23
N VAL B 212 18.80 0.86 12.21
CA VAL B 212 19.93 1.76 12.00
C VAL B 212 21.21 0.97 11.78
N ILE B 213 21.36 -0.17 12.47
CA ILE B 213 22.50 -1.04 12.23
C ILE B 213 22.31 -1.85 10.92
N THR B 214 21.22 -2.64 10.83
CA THR B 214 21.07 -3.53 9.70
C THR B 214 21.01 -2.79 8.38
N TYR B 215 20.26 -1.69 8.31
CA TYR B 215 20.20 -0.94 7.06
C TYR B 215 21.61 -0.61 6.61
N PHE B 216 22.42 -0.04 7.50
CA PHE B 216 23.78 0.31 7.13
C PHE B 216 24.56 -0.92 6.68
N LEU B 217 24.41 -2.05 7.41
CA LEU B 217 25.08 -3.30 7.03
C LEU B 217 24.54 -3.85 5.71
N THR B 218 23.21 -3.78 5.52
CA THR B 218 22.61 -4.23 4.27
C THR B 218 23.00 -3.36 3.08
N ILE B 219 23.31 -2.07 3.32
CA ILE B 219 23.83 -1.20 2.25
C ILE B 219 25.32 -1.44 2.01
N LYS B 220 26.04 -1.96 3.02
CA LYS B 220 27.42 -2.40 2.77
C LYS B 220 27.46 -3.70 1.98
N SER B 221 26.61 -4.68 2.32
CA SER B 221 26.57 -5.94 1.56
C SER B 221 26.14 -5.70 0.12
N LEU B 222 25.04 -4.96 -0.08
CA LEU B 222 24.58 -4.64 -1.43
C LEU B 222 25.66 -3.96 -2.25
N GLN B 223 26.43 -3.09 -1.62
CA GLN B 223 27.53 -2.46 -2.34
C GLN B 223 28.54 -3.49 -2.82
N LYS B 224 28.68 -4.60 -2.08
CA LYS B 224 29.59 -5.70 -2.49
C LYS B 224 29.05 -6.45 -3.69
N GLU B 225 27.76 -6.79 -3.69
CA GLU B 225 27.12 -7.46 -4.82
C GLU B 225 27.29 -6.70 -6.13
N ALA B 226 27.46 -5.37 -6.09
CA ALA B 226 27.86 -4.62 -7.28
C ALA B 226 29.37 -4.54 -7.47
N ALA B 227 30.17 -4.72 -6.43
CA ALA B 227 31.62 -4.83 -6.63
C ALA B 227 31.93 -6.06 -7.45
N ASP B 228 31.29 -7.18 -7.12
CA ASP B 228 31.42 -8.38 -7.91
C ASP B 228 30.93 -8.12 -9.33
N LEU B 229 29.65 -7.74 -9.48
CA LEU B 229 29.06 -7.63 -10.82
C LEU B 229 29.75 -6.56 -11.67
N GLU B 230 30.22 -5.48 -11.05
CA GLU B 230 31.03 -4.52 -11.81
C GLU B 230 32.38 -5.11 -12.20
N ASP B 231 33.04 -5.81 -11.26
CA ASP B 231 34.33 -6.39 -11.56
C ASP B 231 34.21 -7.53 -12.57
N ASN B 232 33.17 -8.37 -12.45
CA ASN B 232 33.06 -9.54 -13.33
C ASN B 232 32.79 -9.15 -14.77
N TRP B 233 31.81 -8.27 -15.00
CA TRP B 233 31.53 -7.82 -16.37
C TRP B 233 32.73 -7.12 -16.96
N GLU B 234 33.43 -6.30 -16.17
CA GLU B 234 34.62 -5.63 -16.69
C GLU B 234 35.64 -6.64 -17.17
N THR B 235 35.87 -7.70 -16.39
CA THR B 235 36.87 -8.69 -16.80
C THR B 235 36.44 -9.41 -18.06
N LEU B 236 35.13 -9.56 -18.31
CA LEU B 236 34.75 -10.18 -19.57
C LEU B 236 35.29 -9.41 -20.76
N ASN B 237 34.96 -8.13 -20.87
CA ASN B 237 35.43 -7.37 -22.02
C ASN B 237 36.76 -6.70 -21.78
N ASP B 238 37.38 -6.92 -20.61
CA ASP B 238 38.80 -6.69 -20.43
C ASP B 238 39.62 -7.90 -20.79
N ASN B 239 38.96 -9.03 -21.09
CA ASN B 239 39.64 -10.23 -21.55
C ASN B 239 39.29 -10.65 -22.96
N LEU B 240 38.21 -10.11 -23.54
CA LEU B 240 37.91 -10.34 -24.95
C LEU B 240 38.85 -9.53 -25.85
N LYS B 241 39.44 -8.45 -25.35
CA LYS B 241 40.44 -7.75 -26.15
C LYS B 241 41.62 -8.67 -26.45
N VAL B 242 42.07 -9.43 -25.46
CA VAL B 242 43.17 -10.38 -25.67
C VAL B 242 42.84 -11.34 -26.80
N ILE B 243 41.64 -11.94 -26.74
CA ILE B 243 41.24 -12.94 -27.71
C ILE B 243 41.15 -12.33 -29.11
N GLU B 244 40.99 -11.01 -29.21
CA GLU B 244 40.86 -10.38 -30.53
C GLU B 244 42.12 -10.60 -31.36
N LYS B 245 43.28 -10.65 -30.70
CA LYS B 245 44.60 -10.85 -31.34
C LYS B 245 44.62 -11.91 -32.47
N ASN B 248 50.51 -17.25 -30.53
CA ASN B 248 49.34 -16.51 -30.08
C ASN B 248 48.33 -17.44 -29.40
N ALA B 249 48.51 -18.75 -29.59
CA ALA B 249 47.59 -19.72 -29.01
C ALA B 249 47.59 -19.68 -27.49
N ALA B 250 48.77 -19.64 -26.87
CA ALA B 250 48.89 -19.69 -25.42
C ALA B 250 48.11 -18.56 -24.75
N GLN B 251 48.17 -17.35 -25.34
CA GLN B 251 47.34 -16.26 -24.85
C GLN B 251 45.86 -16.60 -24.96
N VAL B 252 45.47 -17.27 -26.06
CA VAL B 252 44.06 -17.45 -26.37
C VAL B 252 43.37 -18.30 -25.32
N LYS B 253 44.03 -19.37 -24.86
CA LYS B 253 43.44 -20.26 -23.87
C LYS B 253 43.26 -19.55 -22.51
N ASP B 254 44.29 -18.80 -22.08
CA ASP B 254 44.29 -18.20 -20.75
C ASP B 254 43.19 -17.16 -20.60
N ALA B 255 43.06 -16.27 -21.59
CA ALA B 255 41.92 -15.37 -21.64
C ALA B 255 40.61 -16.15 -21.68
N LEU B 256 40.49 -17.09 -22.62
CA LEU B 256 39.23 -17.78 -22.84
C LEU B 256 38.83 -18.58 -21.62
N THR B 257 39.80 -19.06 -20.83
CA THR B 257 39.49 -19.84 -19.63
C THR B 257 38.91 -18.96 -18.51
N LYS B 258 39.51 -17.78 -18.30
CA LYS B 258 39.05 -16.92 -17.22
C LYS B 258 37.62 -16.46 -17.43
N MET B 259 37.25 -16.12 -18.68
CA MET B 259 35.90 -15.65 -18.96
C MET B 259 34.87 -16.74 -18.71
N ARG B 260 35.15 -17.96 -19.16
CA ARG B 260 34.21 -19.05 -18.95
C ARG B 260 33.83 -19.16 -17.49
N ALA B 261 34.82 -19.07 -16.59
CA ALA B 261 34.54 -19.06 -15.14
C ALA B 261 34.02 -17.70 -14.68
N ALA B 262 34.45 -16.61 -15.33
CA ALA B 262 33.96 -15.27 -14.99
C ALA B 262 32.45 -15.18 -15.22
N ALA B 263 31.97 -15.71 -16.34
CA ALA B 263 30.52 -15.77 -16.57
C ALA B 263 29.84 -16.64 -15.53
N LEU B 264 30.48 -17.73 -15.12
CA LEU B 264 29.90 -18.59 -14.11
C LEU B 264 29.65 -17.82 -12.81
N ASP B 265 30.63 -17.02 -12.37
CA ASP B 265 30.46 -16.25 -11.13
C ASP B 265 29.32 -15.24 -11.27
N ALA B 266 29.24 -14.54 -12.40
CA ALA B 266 28.15 -13.61 -12.60
C ALA B 266 26.92 -14.25 -13.23
N GLN B 267 26.93 -15.59 -13.41
CA GLN B 267 25.72 -16.28 -13.87
C GLN B 267 24.59 -16.11 -12.86
N LYS B 268 24.89 -16.36 -11.59
CA LYS B 268 24.01 -16.05 -10.48
C LYS B 268 24.85 -15.37 -9.40
N ALA B 269 24.53 -14.11 -9.12
CA ALA B 269 25.28 -13.34 -8.11
C ALA B 269 24.41 -12.21 -7.55
N PRO B 282 13.28 -14.27 -15.34
CA PRO B 282 12.51 -14.69 -16.51
C PRO B 282 13.34 -14.79 -17.81
N GLU B 283 13.54 -13.63 -18.45
CA GLU B 283 14.31 -13.58 -19.69
C GLU B 283 15.78 -13.88 -19.44
N MET B 284 16.29 -13.49 -18.27
CA MET B 284 17.70 -13.69 -17.94
C MET B 284 18.10 -15.15 -18.07
N LYS B 285 17.26 -16.08 -17.60
CA LYS B 285 17.60 -17.50 -17.61
C LYS B 285 17.93 -17.99 -19.02
N ASP B 286 17.10 -17.62 -20.01
CA ASP B 286 17.36 -18.01 -21.39
C ASP B 286 18.69 -17.43 -21.87
N PHE B 287 18.95 -16.16 -21.56
CA PHE B 287 20.16 -15.51 -22.08
C PHE B 287 21.41 -16.07 -21.43
N ARG B 288 21.34 -16.37 -20.12
CA ARG B 288 22.54 -16.73 -19.35
C ARG B 288 23.26 -17.94 -19.96
N HIS B 289 22.50 -18.98 -20.33
CA HIS B 289 23.11 -20.09 -21.03
C HIS B 289 23.68 -19.65 -22.38
N GLY B 290 22.98 -18.72 -23.07
CA GLY B 290 23.42 -18.29 -24.39
C GLY B 290 24.81 -17.72 -24.40
N PHE B 291 25.15 -16.87 -23.41
CA PHE B 291 26.50 -16.33 -23.29
C PHE B 291 27.50 -17.43 -22.96
N ASP B 292 27.08 -18.46 -22.21
CA ASP B 292 27.97 -19.60 -21.98
C ASP B 292 28.02 -20.52 -23.19
N ILE B 293 26.99 -20.48 -24.05
CA ILE B 293 27.05 -21.22 -25.30
C ILE B 293 28.22 -20.73 -26.14
N LEU B 294 28.38 -19.40 -26.24
CA LEU B 294 29.47 -18.85 -27.04
C LEU B 294 30.82 -19.19 -26.42
N VAL B 295 30.94 -19.07 -25.10
CA VAL B 295 32.24 -19.27 -24.46
C VAL B 295 32.75 -20.69 -24.71
N GLY B 296 31.87 -21.67 -24.66
CA GLY B 296 32.27 -23.03 -25.02
C GLY B 296 32.81 -23.11 -26.44
N GLN B 297 32.11 -22.49 -27.39
CA GLN B 297 32.59 -22.48 -28.77
C GLN B 297 33.95 -21.81 -28.86
N ILE B 298 34.22 -20.85 -27.96
CA ILE B 298 35.56 -20.28 -27.88
C ILE B 298 36.53 -21.30 -27.28
N ASP B 299 36.01 -22.22 -26.45
CA ASP B 299 36.87 -23.14 -25.69
C ASP B 299 37.46 -24.25 -26.55
N ASP B 300 36.76 -24.65 -27.63
CA ASP B 300 37.18 -25.83 -28.38
C ASP B 300 38.55 -25.62 -29.01
N ALA B 301 38.80 -24.43 -29.55
CA ALA B 301 40.12 -24.13 -30.09
C ALA B 301 41.01 -23.51 -29.02
N ALA B 313 42.54 -22.00 -33.93
CA ALA B 313 42.40 -20.71 -33.26
C ALA B 313 41.86 -19.66 -34.22
N GLN B 314 41.71 -20.05 -35.49
CA GLN B 314 41.01 -19.21 -36.46
C GLN B 314 39.55 -19.01 -36.04
N ALA B 315 38.88 -20.10 -35.66
CA ALA B 315 37.50 -20.01 -35.17
C ALA B 315 37.44 -19.41 -33.78
N ALA B 316 38.40 -19.78 -32.90
CA ALA B 316 38.41 -19.26 -31.54
C ALA B 316 38.43 -17.74 -31.50
N ALA B 317 39.36 -17.13 -32.24
CA ALA B 317 39.36 -15.69 -32.34
C ALA B 317 38.04 -15.18 -32.92
N GLU B 318 37.43 -15.93 -33.84
CA GLU B 318 36.18 -15.52 -34.46
C GLU B 318 34.98 -15.75 -33.54
N GLN B 319 35.02 -16.81 -32.71
CA GLN B 319 33.89 -17.13 -31.84
C GLN B 319 33.81 -16.18 -30.65
N LEU B 320 34.96 -15.72 -30.14
CA LEU B 320 34.95 -14.74 -29.06
C LEU B 320 34.32 -13.42 -29.52
N LYS B 321 34.58 -13.00 -30.76
CA LYS B 321 33.99 -11.75 -31.23
C LYS B 321 32.58 -11.94 -31.77
N THR B 322 31.99 -13.12 -31.64
CA THR B 322 30.57 -13.30 -31.86
C THR B 322 29.76 -13.01 -30.61
N THR B 323 30.43 -12.73 -29.49
CA THR B 323 29.73 -12.26 -28.28
C THR B 323 29.09 -10.90 -28.51
N ARG B 324 29.64 -10.12 -29.44
CA ARG B 324 29.01 -8.87 -29.87
C ARG B 324 27.91 -9.22 -30.88
N ASN B 325 26.86 -9.88 -30.35
CA ASN B 325 25.59 -10.13 -31.05
C ASN B 325 24.40 -9.50 -30.34
N ALA B 326 24.24 -9.69 -29.03
CA ALA B 326 23.21 -8.99 -28.26
C ALA B 326 23.56 -9.03 -26.76
N TYR B 327 23.75 -7.83 -26.15
CA TYR B 327 24.18 -7.69 -24.74
C TYR B 327 23.12 -6.83 -24.03
N ILE B 328 21.99 -7.49 -23.77
CA ILE B 328 20.98 -6.95 -22.89
C ILE B 328 21.20 -7.49 -21.50
N GLN B 329 22.11 -8.46 -21.37
CA GLN B 329 22.54 -8.91 -20.06
C GLN B 329 23.11 -7.76 -19.26
N LYS B 330 23.91 -6.90 -19.88
CA LYS B 330 24.43 -5.75 -19.16
C LYS B 330 23.31 -4.76 -18.81
N TYR B 331 22.31 -4.59 -19.70
CA TYR B 331 21.22 -3.66 -19.41
C TYR B 331 20.30 -4.14 -18.30
N LEU B 332 19.60 -5.24 -18.53
CA LEU B 332 18.73 -5.79 -17.51
C LEU B 332 19.50 -5.85 -16.19
N THR B 333 20.79 -6.18 -16.23
CA THR B 333 21.54 -6.33 -14.98
C THR B 333 21.99 -4.99 -14.40
N MET B 334 22.74 -4.19 -15.17
CA MET B 334 23.18 -2.87 -14.67
C MET B 334 21.99 -2.03 -14.20
N GLN B 335 20.88 -2.07 -14.95
CA GLN B 335 19.71 -1.31 -14.55
C GLN B 335 19.25 -1.72 -13.16
N SER B 336 19.09 -3.04 -12.93
CA SER B 336 18.60 -3.48 -11.64
C SER B 336 19.54 -3.05 -10.52
N ILE B 337 20.86 -3.17 -10.75
CA ILE B 337 21.84 -2.70 -9.78
C ILE B 337 21.56 -1.24 -9.42
N SER B 338 21.26 -0.40 -10.42
CA SER B 338 20.84 0.96 -10.11
C SER B 338 19.44 1.02 -9.50
N ASN B 339 18.56 0.08 -9.84
CA ASN B 339 17.24 0.07 -9.23
C ASN B 339 17.32 -0.21 -7.74
N GLU B 340 18.15 -1.17 -7.33
CA GLU B 340 18.28 -1.43 -5.90
C GLU B 340 18.98 -0.28 -5.16
N GLN B 341 19.87 0.46 -5.82
CA GLN B 341 20.43 1.68 -5.21
C GLN B 341 19.35 2.76 -5.05
N LYS B 342 18.33 2.72 -5.91
CA LYS B 342 17.21 3.65 -5.84
C LYS B 342 16.30 3.33 -4.67
N ALA B 343 15.98 2.07 -4.45
CA ALA B 343 15.14 1.76 -3.31
C ALA B 343 15.87 2.06 -2.00
N CYS B 344 17.20 1.92 -1.96
CA CYS B 344 17.92 2.15 -0.71
C CYS B 344 17.80 3.59 -0.21
N LYS B 345 18.00 4.57 -1.11
CA LYS B 345 17.90 5.97 -0.69
C LYS B 345 16.50 6.29 -0.19
N VAL B 346 15.46 5.72 -0.81
CA VAL B 346 14.09 5.94 -0.34
C VAL B 346 13.89 5.36 1.05
N LEU B 347 14.40 4.15 1.30
CA LEU B 347 14.15 3.52 2.59
C LEU B 347 14.98 4.14 3.70
N GLY B 348 16.28 4.33 3.50
CA GLY B 348 17.06 5.05 4.50
C GLY B 348 16.47 6.42 4.85
N ILE B 349 15.99 7.15 3.83
CA ILE B 349 15.32 8.41 4.09
C ILE B 349 14.09 8.18 4.95
N VAL B 350 13.26 7.20 4.59
CA VAL B 350 12.11 6.91 5.43
C VAL B 350 12.54 6.57 6.84
N PHE B 351 13.65 5.81 6.98
CA PHE B 351 14.15 5.40 8.29
C PHE B 351 14.65 6.57 9.09
N PHE B 352 15.37 7.50 8.42
CA PHE B 352 15.91 8.64 9.15
C PHE B 352 14.79 9.49 9.69
N LEU B 353 13.82 9.77 8.83
CA LEU B 353 12.77 10.65 9.28
C LEU B 353 11.99 10.04 10.43
N PHE B 354 11.71 8.74 10.37
CA PHE B 354 10.98 8.14 11.48
C PHE B 354 11.77 8.22 12.76
N VAL B 355 13.06 7.93 12.73
CA VAL B 355 13.73 7.87 14.02
C VAL B 355 14.14 9.26 14.48
N VAL B 356 14.57 10.14 13.57
CA VAL B 356 15.01 11.42 14.07
C VAL B 356 13.83 12.17 14.66
N MET B 357 12.70 12.15 13.98
CA MET B 357 11.53 12.87 14.46
C MET B 357 11.00 12.28 15.76
N TRP B 358 11.28 11.01 16.04
CA TRP B 358 10.81 10.43 17.29
C TRP B 358 11.85 10.42 18.40
N CYS B 359 13.13 10.53 18.04
CA CYS B 359 14.15 10.74 19.06
C CYS B 359 13.82 11.78 20.11
N PRO B 360 13.39 13.02 19.77
CA PRO B 360 13.20 13.99 20.84
C PRO B 360 12.15 13.57 21.81
N PHE B 361 11.06 13.01 21.31
CA PHE B 361 10.00 12.65 22.24
C PHE B 361 10.45 11.56 23.22
N PHE B 362 10.91 10.42 22.69
CA PHE B 362 11.15 9.27 23.55
C PHE B 362 12.26 9.55 24.53
N ILE B 363 13.39 10.09 24.07
CA ILE B 363 14.49 10.33 25.02
C ILE B 363 14.09 11.38 26.05
N THR B 364 13.18 12.30 25.69
CA THR B 364 12.64 13.23 26.69
C THR B 364 11.53 12.59 27.50
N ASN B 365 10.71 11.73 26.88
CA ASN B 365 9.75 10.94 27.64
C ASN B 365 10.45 10.01 28.60
N ILE B 366 11.51 9.33 28.16
CA ILE B 366 12.32 8.53 29.06
C ILE B 366 12.79 9.38 30.23
N MET B 367 13.38 10.54 29.94
CA MET B 367 13.79 11.41 31.03
C MET B 367 12.65 11.90 31.92
N ALA B 368 11.39 11.79 31.50
CA ALA B 368 10.33 12.21 32.40
C ALA B 368 10.37 11.41 33.69
N VAL B 369 10.53 10.10 33.58
CA VAL B 369 10.48 9.30 34.79
C VAL B 369 11.87 8.95 35.32
N ILE B 370 12.92 9.00 34.50
CA ILE B 370 14.26 8.82 35.06
C ILE B 370 14.55 9.96 36.03
N CYS B 371 14.15 11.19 35.67
CA CYS B 371 14.44 12.39 36.44
C CYS B 371 13.30 12.81 37.38
N LYS B 372 12.43 11.90 37.80
CA LYS B 372 11.35 12.31 38.68
C LYS B 372 11.90 13.06 39.91
N GLU B 373 12.96 12.54 40.54
CA GLU B 373 13.45 13.18 41.76
C GLU B 373 13.93 14.61 41.54
N SER B 374 14.80 14.85 40.55
CA SER B 374 15.51 16.12 40.53
C SER B 374 15.22 17.00 39.33
N CYS B 375 14.36 16.58 38.41
CA CYS B 375 14.17 17.29 37.15
C CYS B 375 12.73 17.77 37.08
N ASN B 376 12.53 19.09 36.97
CA ASN B 376 11.19 19.70 36.88
C ASN B 376 10.30 19.04 35.85
N GLU B 377 9.13 18.50 36.26
CA GLU B 377 8.32 17.86 35.22
C GLU B 377 7.39 18.83 34.49
N ASP B 378 7.34 20.11 34.88
CA ASP B 378 6.49 21.02 34.14
C ASP B 378 7.08 21.41 32.81
N VAL B 379 8.42 21.52 32.74
CA VAL B 379 9.08 21.83 31.50
C VAL B 379 9.19 20.58 30.66
N ILE B 380 9.53 19.45 31.31
CA ILE B 380 9.65 18.17 30.61
C ILE B 380 8.31 17.71 30.06
N GLY B 381 7.24 17.87 30.84
CA GLY B 381 5.93 17.64 30.28
C GLY B 381 5.62 18.61 29.16
N ALA B 382 6.04 19.86 29.31
CA ALA B 382 5.68 20.89 28.34
C ALA B 382 6.32 20.62 27.00
N LEU B 383 7.57 20.15 27.01
CA LEU B 383 8.27 19.75 25.79
C LEU B 383 7.54 18.62 25.08
N LEU B 384 7.00 17.68 25.85
CA LEU B 384 6.41 16.50 25.26
C LEU B 384 5.31 16.88 24.29
N ASN B 385 4.42 17.79 24.70
CA ASN B 385 3.36 18.20 23.79
C ASN B 385 3.92 18.72 22.48
N VAL B 386 5.03 19.46 22.54
CA VAL B 386 5.75 19.80 21.31
C VAL B 386 6.28 18.54 20.66
N PHE B 387 7.15 17.82 21.37
CA PHE B 387 7.93 16.75 20.78
C PHE B 387 7.09 15.58 20.34
N VAL B 388 5.87 15.48 20.87
CA VAL B 388 4.94 14.55 20.29
C VAL B 388 4.64 14.95 18.87
N TRP B 389 4.29 16.21 18.64
CA TRP B 389 3.86 16.54 17.29
C TRP B 389 4.99 16.66 16.28
N ILE B 390 6.25 16.74 16.71
CA ILE B 390 7.29 16.42 15.75
C ILE B 390 7.15 14.98 15.28
N GLY B 391 6.96 14.05 16.23
CA GLY B 391 6.84 12.65 15.85
C GLY B 391 5.56 12.34 15.11
N TYR B 392 4.48 13.04 15.47
CA TYR B 392 3.21 12.92 14.79
C TYR B 392 3.31 13.36 13.34
N ALA B 393 4.24 14.26 13.03
CA ALA B 393 4.43 14.68 11.64
C ALA B 393 5.25 13.70 10.82
N SER B 394 5.83 12.66 11.42
CA SER B 394 6.51 11.65 10.61
C SER B 394 5.50 10.84 9.79
N SER B 395 4.26 10.76 10.25
CA SER B 395 3.27 9.96 9.54
C SER B 395 2.77 10.66 8.26
N ALA B 396 2.76 11.99 8.25
CA ALA B 396 2.46 12.74 7.03
C ALA B 396 3.60 12.67 6.02
N VAL B 397 4.83 12.39 6.50
CA VAL B 397 6.04 12.50 5.69
C VAL B 397 6.07 11.50 4.54
N ASN B 398 5.72 10.24 4.81
CA ASN B 398 5.98 9.20 3.82
C ASN B 398 5.23 9.39 2.50
N PRO B 399 3.93 9.73 2.46
CA PRO B 399 3.33 10.04 1.16
C PRO B 399 4.13 11.09 0.41
N LEU B 400 4.64 12.09 1.12
CA LEU B 400 5.51 13.09 0.51
C LEU B 400 6.78 12.46 -0.02
N VAL B 401 7.45 11.63 0.78
CA VAL B 401 8.72 11.05 0.33
C VAL B 401 8.54 10.12 -0.87
N TYR B 402 7.39 9.43 -0.98
CA TYR B 402 7.19 8.63 -2.17
C TYR B 402 7.01 9.53 -3.41
N THR B 403 6.07 10.49 -3.34
CA THR B 403 5.82 11.34 -4.51
C THR B 403 7.08 12.10 -4.92
N LEU B 404 7.93 12.48 -3.97
CA LEU B 404 9.16 13.19 -4.31
C LEU B 404 10.10 12.34 -5.17
N PHE B 405 10.37 11.11 -4.74
CA PHE B 405 11.47 10.31 -5.25
C PHE B 405 11.04 9.05 -6.01
N ASN B 406 9.82 8.99 -6.49
CA ASN B 406 9.34 7.80 -7.21
C ASN B 406 8.37 8.23 -8.30
N LYS B 407 8.74 8.04 -9.57
CA LYS B 407 7.90 8.50 -10.66
C LYS B 407 6.54 7.75 -10.71
N THR B 408 6.55 6.43 -10.49
CA THR B 408 5.34 5.64 -10.70
C THR B 408 4.33 5.85 -9.58
N TYR B 409 4.82 6.29 -8.40
CA TYR B 409 3.95 6.67 -7.28
C TYR B 409 3.32 8.06 -7.49
N ARG B 410 4.12 9.06 -7.89
CA ARG B 410 3.64 10.43 -7.95
C ARG B 410 2.60 10.61 -9.04
N SER B 411 2.67 9.77 -10.09
CA SER B 411 1.64 9.76 -11.13
C SER B 411 0.39 9.02 -10.67
N ALA B 412 0.50 8.26 -9.59
CA ALA B 412 -0.67 7.61 -9.00
C ALA B 412 -1.52 8.62 -8.23
N PHE B 413 -0.89 9.49 -7.44
CA PHE B 413 -1.67 10.43 -6.64
C PHE B 413 -2.33 11.46 -7.54
N SER B 414 -1.59 11.97 -8.54
CA SER B 414 -2.14 12.91 -9.51
C SER B 414 -3.32 12.30 -10.25
N ARG B 415 -3.17 11.05 -10.70
CA ARG B 415 -4.29 10.33 -11.30
C ARG B 415 -5.45 10.23 -10.32
N TYR B 416 -5.15 9.77 -9.10
CA TYR B 416 -6.17 9.39 -8.15
C TYR B 416 -6.78 10.60 -7.44
N ILE B 417 -6.05 11.72 -7.38
CA ILE B 417 -6.58 12.92 -6.74
C ILE B 417 -7.83 13.41 -7.46
N GLN B 418 -7.84 13.29 -8.78
CA GLN B 418 -8.95 13.76 -9.59
C GLN B 418 -10.04 12.72 -9.74
N CYS B 419 -10.03 11.67 -8.91
CA CYS B 419 -11.02 10.60 -8.96
C CYS B 419 -11.03 9.91 -10.33
N GLN B 420 -9.84 9.76 -10.91
CA GLN B 420 -9.69 9.19 -12.25
C GLN B 420 -8.76 7.99 -12.22
N TYR B 421 -9.33 6.78 -12.22
CA TYR B 421 -8.58 5.53 -12.26
C TYR B 421 -8.72 4.91 -13.65
N LYS B 422 -7.59 4.71 -14.33
CA LYS B 422 -7.58 4.17 -15.70
C LYS B 422 -6.21 3.65 -16.15
N LEU C 30 -35.88 63.30 3.79
CA LEU C 30 -36.21 62.23 4.72
C LEU C 30 -35.13 61.14 4.74
N HIS C 31 -35.14 60.29 5.77
CA HIS C 31 -34.18 59.19 5.86
C HIS C 31 -34.43 58.16 4.74
N LEU C 32 -35.68 57.99 4.33
CA LEU C 32 -35.99 57.06 3.24
C LEU C 32 -35.18 57.41 2.00
N GLN C 33 -35.19 58.68 1.59
CA GLN C 33 -34.39 59.09 0.44
C GLN C 33 -32.91 58.84 0.68
N GLU C 34 -32.45 59.02 1.94
CA GLU C 34 -31.02 58.86 2.26
C GLU C 34 -30.58 57.40 2.18
N LYS C 35 -31.48 56.46 2.50
CA LYS C 35 -31.15 55.04 2.48
C LYS C 35 -31.82 54.29 1.34
N ASN C 36 -32.84 54.88 0.68
CA ASN C 36 -33.30 54.26 -0.55
C ASN C 36 -32.11 54.10 -1.48
N TRP C 37 -31.43 55.20 -1.79
CA TRP C 37 -30.33 55.16 -2.76
C TRP C 37 -29.09 54.45 -2.20
N SER C 38 -28.86 54.54 -0.89
CA SER C 38 -27.74 53.81 -0.29
C SER C 38 -28.01 52.32 -0.31
N ALA C 39 -29.10 51.86 0.31
CA ALA C 39 -29.29 50.41 0.43
C ALA C 39 -29.56 49.76 -0.92
N LEU C 40 -30.24 50.46 -1.85
CA LEU C 40 -30.42 49.91 -3.19
C LEU C 40 -29.08 49.54 -3.79
N LEU C 41 -28.14 50.49 -3.80
CA LEU C 41 -26.91 50.31 -4.55
C LEU C 41 -26.12 49.09 -4.05
N THR C 42 -26.18 48.80 -2.74
CA THR C 42 -25.52 47.58 -2.23
C THR C 42 -26.11 46.33 -2.86
N ALA C 43 -27.43 46.35 -3.12
CA ALA C 43 -28.06 45.26 -3.84
C ALA C 43 -27.55 45.17 -5.27
N VAL C 44 -27.23 46.31 -5.90
CA VAL C 44 -26.55 46.24 -7.18
C VAL C 44 -25.24 45.47 -7.02
N VAL C 45 -24.45 45.86 -6.02
CA VAL C 45 -23.15 45.27 -5.78
C VAL C 45 -23.31 43.81 -5.37
N ILE C 46 -24.32 43.50 -4.56
CA ILE C 46 -24.46 42.11 -4.12
C ILE C 46 -24.71 41.21 -5.32
N ILE C 47 -25.62 41.60 -6.22
CA ILE C 47 -26.02 40.71 -7.30
C ILE C 47 -24.88 40.54 -8.30
N LEU C 48 -24.19 41.64 -8.64
CA LEU C 48 -23.10 41.50 -9.60
C LEU C 48 -22.01 40.57 -9.06
N THR C 49 -21.76 40.62 -7.74
CA THR C 49 -20.81 39.68 -7.16
C THR C 49 -21.24 38.25 -7.42
N ILE C 50 -22.50 37.94 -7.11
CA ILE C 50 -23.01 36.58 -7.25
C ILE C 50 -23.14 36.19 -8.72
N ALA C 51 -23.75 37.06 -9.55
CA ALA C 51 -23.85 36.76 -10.97
C ALA C 51 -22.47 36.72 -11.59
N GLY C 52 -21.74 37.83 -11.49
CA GLY C 52 -20.47 37.93 -12.18
C GLY C 52 -19.54 36.78 -11.85
N ASN C 53 -19.41 36.43 -10.57
CA ASN C 53 -18.46 35.36 -10.22
C ASN C 53 -19.05 33.97 -10.44
N ILE C 54 -20.38 33.78 -10.38
CA ILE C 54 -20.85 32.43 -10.69
C ILE C 54 -20.55 32.09 -12.14
N LEU C 55 -20.67 33.06 -13.04
CA LEU C 55 -20.34 32.75 -14.43
C LEU C 55 -18.89 32.36 -14.55
N VAL C 56 -18.00 33.03 -13.81
CA VAL C 56 -16.56 32.76 -13.93
C VAL C 56 -16.29 31.33 -13.51
N ILE C 57 -16.96 30.87 -12.43
CA ILE C 57 -16.79 29.48 -12.00
C ILE C 57 -17.23 28.55 -13.12
N MET C 58 -18.34 28.90 -13.78
CA MET C 58 -18.88 28.04 -14.83
C MET C 58 -17.91 27.99 -16.01
N ALA C 59 -17.47 29.18 -16.45
CA ALA C 59 -16.61 29.28 -17.62
C ALA C 59 -15.33 28.45 -17.50
N VAL C 60 -14.66 28.49 -16.36
CA VAL C 60 -13.45 27.69 -16.21
C VAL C 60 -13.77 26.21 -16.26
N SER C 61 -14.82 25.80 -15.55
CA SER C 61 -15.25 24.41 -15.57
C SER C 61 -15.69 23.98 -16.98
N LEU C 62 -16.51 24.81 -17.64
CA LEU C 62 -17.15 24.40 -18.88
C LEU C 62 -16.18 24.42 -20.05
N GLU C 63 -15.43 25.51 -20.24
CA GLU C 63 -14.55 25.68 -21.38
C GLU C 63 -13.16 25.14 -21.07
N LYS C 64 -12.61 24.36 -22.01
CA LYS C 64 -11.26 23.82 -21.91
C LYS C 64 -10.19 24.79 -22.39
N LYS C 65 -10.60 25.91 -23.00
CA LYS C 65 -9.65 26.95 -23.36
C LYS C 65 -9.05 27.60 -22.12
N LEU C 66 -9.85 27.71 -21.05
CA LEU C 66 -9.50 28.35 -19.78
C LEU C 66 -9.05 27.34 -18.75
N GLN C 67 -8.64 26.14 -19.17
CA GLN C 67 -8.17 25.07 -18.29
C GLN C 67 -6.66 25.16 -18.13
N ASN C 68 -6.21 26.24 -17.52
CA ASN C 68 -4.79 26.43 -17.32
C ASN C 68 -4.55 26.84 -15.87
N ALA C 69 -3.27 26.90 -15.48
CA ALA C 69 -2.95 27.12 -14.08
C ALA C 69 -3.54 28.45 -13.58
N THR C 70 -3.26 29.54 -14.31
CA THR C 70 -3.70 30.86 -13.86
C THR C 70 -5.21 30.89 -13.69
N ASN C 71 -6.00 30.47 -14.70
CA ASN C 71 -7.46 30.53 -14.57
C ASN C 71 -8.06 29.48 -13.64
N TYR C 72 -7.27 28.56 -13.11
CA TYR C 72 -7.75 27.89 -11.91
C TYR C 72 -7.76 28.86 -10.74
N PHE C 73 -6.69 29.65 -10.60
CA PHE C 73 -6.62 30.62 -9.53
C PHE C 73 -7.75 31.62 -9.59
N LEU C 74 -8.04 32.13 -10.79
CA LEU C 74 -9.05 33.17 -10.95
C LEU C 74 -10.45 32.59 -10.76
N MET C 75 -10.60 31.27 -10.97
CA MET C 75 -11.84 30.60 -10.60
C MET C 75 -11.97 30.51 -9.08
N SER C 76 -10.89 30.07 -8.42
CA SER C 76 -10.93 29.85 -6.98
C SER C 76 -11.09 31.16 -6.23
N LEU C 77 -10.36 32.20 -6.67
CA LEU C 77 -10.57 33.55 -6.15
C LEU C 77 -12.03 33.93 -6.24
N ALA C 78 -12.72 33.46 -7.30
CA ALA C 78 -14.10 33.87 -7.60
C ALA C 78 -15.10 33.15 -6.73
N ILE C 79 -14.73 31.97 -6.21
CA ILE C 79 -15.56 31.34 -5.20
C ILE C 79 -15.54 32.15 -3.90
N ALA C 80 -14.35 32.56 -3.45
CA ALA C 80 -14.26 33.39 -2.26
C ALA C 80 -14.93 34.72 -2.48
N ASP C 81 -14.65 35.36 -3.63
CA ASP C 81 -15.37 36.57 -4.02
C ASP C 81 -16.89 36.37 -4.06
N MET C 82 -17.35 35.23 -4.59
CA MET C 82 -18.78 34.96 -4.59
C MET C 82 -19.27 34.62 -3.18
N LEU C 83 -18.71 33.57 -2.56
CA LEU C 83 -19.17 33.12 -1.26
C LEU C 83 -19.35 34.30 -0.31
N LEU C 84 -18.30 35.11 -0.17
CA LEU C 84 -18.38 36.36 0.58
C LEU C 84 -19.49 37.26 0.05
N GLY C 85 -19.62 37.40 -1.25
CA GLY C 85 -20.70 38.20 -1.77
C GLY C 85 -22.07 37.66 -1.42
N PHE C 86 -22.20 36.32 -1.38
CA PHE C 86 -23.49 35.73 -1.06
C PHE C 86 -23.68 35.61 0.44
N LEU C 87 -22.67 35.11 1.17
CA LEU C 87 -22.91 34.82 2.58
C LEU C 87 -22.89 36.08 3.43
N VAL C 88 -22.02 37.03 3.13
CA VAL C 88 -21.73 38.16 4.02
C VAL C 88 -22.48 39.42 3.62
N MET C 89 -22.36 39.84 2.36
CA MET C 89 -22.86 41.15 1.97
C MET C 89 -24.35 41.33 2.26
N PRO C 90 -25.22 40.33 2.09
CA PRO C 90 -26.64 40.52 2.48
C PRO C 90 -26.89 40.84 3.94
N VAL C 91 -26.28 40.09 4.86
CA VAL C 91 -26.29 40.46 6.27
C VAL C 91 -25.55 41.77 6.58
N SER C 92 -24.60 42.20 5.74
CA SER C 92 -24.13 43.59 5.79
C SER C 92 -25.16 44.55 5.28
N MET C 93 -26.12 44.08 4.50
CA MET C 93 -27.20 44.94 4.09
C MET C 93 -28.32 45.04 5.11
N LEU C 94 -28.56 43.98 5.89
CA LEU C 94 -29.49 44.12 7.00
C LEU C 94 -29.09 45.26 7.92
N THR C 95 -27.85 45.19 8.43
CA THR C 95 -27.34 46.17 9.39
C THR C 95 -27.52 47.59 8.89
N ILE C 96 -27.16 47.86 7.63
CA ILE C 96 -27.31 49.24 7.15
C ILE C 96 -28.77 49.61 7.09
N LEU C 97 -29.62 48.69 6.65
CA LEU C 97 -31.06 48.96 6.69
C LEU C 97 -31.50 49.29 8.12
N TYR C 98 -31.14 48.43 9.08
CA TYR C 98 -31.65 48.52 10.45
C TYR C 98 -30.73 49.40 11.29
N GLY C 99 -30.80 50.70 10.99
CA GLY C 99 -29.95 51.68 11.66
C GLY C 99 -28.51 51.29 11.39
N TYR C 100 -27.80 50.87 12.42
CA TYR C 100 -26.59 50.12 12.21
C TYR C 100 -26.41 49.07 13.29
N ARG C 101 -27.30 49.02 14.27
CA ARG C 101 -27.24 48.01 15.30
C ARG C 101 -27.39 46.64 14.68
N TRP C 102 -26.76 45.64 15.28
CA TRP C 102 -26.72 44.28 14.75
C TRP C 102 -28.12 43.68 14.73
N PRO C 103 -28.75 43.50 13.56
CA PRO C 103 -30.13 43.00 13.56
C PRO C 103 -30.21 41.54 13.95
N LEU C 104 -29.11 40.80 13.84
CA LEU C 104 -29.11 39.35 14.04
C LEU C 104 -28.92 38.96 15.51
N PRO C 105 -28.85 37.64 15.79
CA PRO C 105 -28.47 37.16 17.13
C PRO C 105 -27.04 37.45 17.54
N SER C 106 -26.89 37.74 18.83
CA SER C 106 -25.60 38.12 19.39
C SER C 106 -24.56 37.03 19.15
N LYS C 107 -24.96 35.76 19.24
CA LYS C 107 -23.96 34.69 19.19
C LYS C 107 -23.29 34.58 17.82
N LEU C 108 -23.92 35.08 16.73
CA LEU C 108 -23.43 34.89 15.36
C LEU C 108 -22.82 36.15 14.73
N CYS C 109 -22.85 37.31 15.39
CA CYS C 109 -22.04 38.43 14.93
C CYS C 109 -20.55 38.08 14.92
N ALA C 110 -20.09 37.32 15.89
CA ALA C 110 -18.65 37.06 15.96
C ALA C 110 -18.22 36.12 14.85
N VAL C 111 -19.10 35.21 14.43
CA VAL C 111 -18.80 34.31 13.32
C VAL C 111 -18.86 35.04 11.97
N TRP C 112 -19.81 35.96 11.82
CA TRP C 112 -19.95 36.74 10.59
C TRP C 112 -18.67 37.44 10.19
N ILE C 113 -17.99 38.05 11.16
CA ILE C 113 -16.70 38.69 10.91
C ILE C 113 -15.67 37.65 10.48
N TYR C 114 -15.62 36.51 11.17
CA TYR C 114 -14.68 35.49 10.75
C TYR C 114 -14.88 35.14 9.28
N LEU C 115 -16.11 34.85 8.87
CA LEU C 115 -16.32 34.55 7.47
C LEU C 115 -15.79 35.65 6.58
N ASP C 116 -16.16 36.89 6.87
CA ASP C 116 -15.77 37.99 6.02
C ASP C 116 -14.25 38.23 6.08
N VAL C 117 -13.64 38.09 7.25
CA VAL C 117 -12.19 38.26 7.32
C VAL C 117 -11.48 37.23 6.48
N LEU C 118 -11.82 35.94 6.67
CA LEU C 118 -11.16 34.87 5.94
C LEU C 118 -11.36 35.04 4.43
N PHE C 119 -12.59 35.28 4.01
CA PHE C 119 -12.84 35.43 2.59
C PHE C 119 -12.20 36.71 2.04
N SER C 120 -12.17 37.78 2.83
CA SER C 120 -11.39 38.94 2.40
C SER C 120 -9.90 38.60 2.37
N THR C 121 -9.44 37.64 3.19
CA THR C 121 -8.02 37.28 3.16
C THR C 121 -7.69 36.35 2.00
N ALA C 122 -8.61 35.46 1.61
CA ALA C 122 -8.34 34.60 0.47
C ALA C 122 -8.18 35.42 -0.81
N SER C 123 -9.05 36.40 -0.99
CA SER C 123 -9.01 37.16 -2.23
C SER C 123 -7.69 37.90 -2.39
N ILE C 124 -7.22 38.61 -1.37
CA ILE C 124 -5.88 39.19 -1.52
C ILE C 124 -4.82 38.09 -1.59
N MET C 125 -5.04 36.94 -0.91
CA MET C 125 -4.06 35.84 -0.99
C MET C 125 -4.05 35.21 -2.37
N HIS C 126 -5.21 34.93 -2.95
CA HIS C 126 -5.19 34.32 -4.27
C HIS C 126 -4.46 35.21 -5.25
N LEU C 127 -4.74 36.51 -5.17
CA LEU C 127 -4.19 37.46 -6.12
C LEU C 127 -2.70 37.54 -5.96
N CYS C 128 -2.26 37.52 -4.70
CA CYS C 128 -0.85 37.50 -4.41
C CYS C 128 -0.19 36.25 -4.99
N ALA C 129 -0.79 35.07 -4.75
CA ALA C 129 -0.23 33.81 -5.21
C ALA C 129 -0.24 33.68 -6.72
N ILE C 130 -1.18 34.33 -7.41
CA ILE C 130 -1.19 34.34 -8.87
C ILE C 130 0.07 35.03 -9.38
N SER C 131 0.37 36.24 -8.87
CA SER C 131 1.56 36.94 -9.35
C SER C 131 2.81 36.21 -8.89
N LEU C 132 2.82 35.67 -7.69
CA LEU C 132 3.98 34.89 -7.29
C LEU C 132 4.11 33.66 -8.18
N ASP C 133 2.99 33.16 -8.72
CA ASP C 133 3.05 32.04 -9.66
C ASP C 133 3.37 32.51 -11.06
N ARG C 134 2.90 33.71 -11.44
CA ARG C 134 3.15 34.25 -12.77
C ARG C 134 4.57 34.78 -12.91
N TYR C 135 5.31 34.90 -11.80
CA TYR C 135 6.71 35.31 -11.80
C TYR C 135 7.65 34.13 -11.73
N VAL C 136 7.14 32.94 -11.40
CA VAL C 136 7.89 31.70 -11.57
C VAL C 136 7.70 31.07 -12.96
N ALA C 137 6.98 31.74 -13.87
CA ALA C 137 6.83 31.29 -15.26
C ALA C 137 7.56 32.17 -16.27
N ILE C 138 7.89 33.41 -15.92
CA ILE C 138 8.90 34.12 -16.67
C ILE C 138 10.23 33.38 -16.58
N GLN C 139 10.59 32.90 -15.38
CA GLN C 139 11.89 32.25 -15.18
C GLN C 139 11.98 30.89 -15.87
N ASN C 140 10.85 30.18 -16.00
CA ASN C 140 10.79 28.84 -16.60
C ASN C 140 11.69 27.85 -15.84
N HIS C 144 5.03 20.07 -17.94
CA HIS C 144 3.80 20.85 -17.89
C HIS C 144 2.59 20.07 -18.44
N SER C 145 2.43 18.82 -17.98
CA SER C 145 1.33 17.99 -18.44
C SER C 145 0.00 18.64 -18.08
N ARG C 146 -0.98 18.52 -18.99
CA ARG C 146 -2.28 19.14 -18.77
C ARG C 146 -2.99 18.57 -17.54
N PHE C 147 -2.95 17.25 -17.34
CA PHE C 147 -3.51 16.67 -16.11
C PHE C 147 -2.62 16.96 -14.91
N ASN C 148 -1.30 17.05 -15.11
CA ASN C 148 -0.38 17.39 -14.01
C ASN C 148 -0.53 18.85 -13.56
N SER C 149 -0.59 19.79 -14.51
CA SER C 149 -0.76 21.19 -14.13
C SER C 149 -2.08 21.39 -13.38
N ARG C 150 -3.14 20.68 -13.80
CA ARG C 150 -4.42 20.79 -13.11
C ARG C 150 -4.30 20.34 -11.67
N THR C 151 -3.59 19.21 -11.45
CA THR C 151 -3.40 18.71 -10.09
C THR C 151 -2.36 19.54 -9.33
N LYS C 152 -1.30 20.03 -10.02
CA LYS C 152 -0.39 20.99 -9.39
C LYS C 152 -1.07 22.34 -9.12
N ALA C 153 -2.06 22.73 -9.94
CA ALA C 153 -2.88 23.89 -9.60
C ALA C 153 -3.62 23.65 -8.29
N PHE C 154 -4.29 22.51 -8.16
CA PHE C 154 -5.14 22.31 -7.00
C PHE C 154 -4.35 22.28 -5.70
N LEU C 155 -3.01 22.15 -5.75
CA LEU C 155 -2.27 22.28 -4.50
C LEU C 155 -1.99 23.73 -4.11
N LYS C 156 -1.69 24.59 -5.08
CA LYS C 156 -1.66 26.02 -4.77
C LYS C 156 -2.96 26.47 -4.11
N ILE C 157 -4.10 26.11 -4.68
CA ILE C 157 -5.39 26.53 -4.12
C ILE C 157 -5.62 25.95 -2.74
N ILE C 158 -5.33 24.65 -2.55
CA ILE C 158 -5.42 24.07 -1.23
C ILE C 158 -4.43 24.75 -0.28
N ALA C 159 -3.24 25.08 -0.78
CA ALA C 159 -2.29 25.79 0.06
C ALA C 159 -2.75 27.21 0.35
N VAL C 160 -3.28 27.91 -0.66
CA VAL C 160 -3.68 29.30 -0.44
C VAL C 160 -4.83 29.37 0.55
N TRP C 161 -5.73 28.40 0.53
CA TRP C 161 -6.85 28.46 1.46
C TRP C 161 -6.43 28.19 2.90
N THR C 162 -5.40 27.36 3.14
CA THR C 162 -4.95 27.15 4.53
C THR C 162 -4.37 28.43 5.11
N ILE C 163 -3.42 29.05 4.41
CA ILE C 163 -2.85 30.28 4.92
C ILE C 163 -3.93 31.32 5.20
N SER C 164 -4.97 31.39 4.35
CA SER C 164 -6.10 32.24 4.70
C SER C 164 -6.70 31.81 6.04
N VAL C 165 -6.83 30.50 6.29
CA VAL C 165 -7.40 30.08 7.58
C VAL C 165 -6.38 30.28 8.71
N GLY C 166 -5.10 30.37 8.36
CA GLY C 166 -4.09 30.72 9.35
C GLY C 166 -4.30 32.12 9.89
N ILE C 167 -4.65 33.05 9.01
CA ILE C 167 -4.83 34.42 9.44
C ILE C 167 -6.22 34.72 9.95
N SER C 168 -7.17 33.80 9.79
CA SER C 168 -8.55 34.05 10.21
C SER C 168 -9.00 33.16 11.36
N MET C 169 -8.09 32.41 11.96
CA MET C 169 -8.41 31.65 13.17
C MET C 169 -8.72 32.52 14.41
N PRO C 170 -8.17 33.74 14.58
CA PRO C 170 -8.33 34.39 15.89
C PRO C 170 -9.74 34.84 16.21
N ILE C 171 -10.51 35.26 15.20
CA ILE C 171 -11.79 35.95 15.45
C ILE C 171 -12.81 35.06 16.18
N PRO C 172 -13.05 33.78 15.77
CA PRO C 172 -14.12 33.00 16.44
C PRO C 172 -13.85 32.72 17.92
N VAL C 173 -12.62 32.36 18.29
CA VAL C 173 -12.29 32.10 19.69
C VAL C 173 -12.37 33.38 20.52
N PHE C 174 -11.88 34.50 19.99
CA PHE C 174 -11.98 35.78 20.68
C PHE C 174 -12.85 36.79 19.91
N LEU C 176 -18.70 32.90 19.11
CA LEU C 176 -18.45 31.60 19.74
C LEU C 176 -18.03 31.74 21.23
N GLN C 177 -16.87 32.35 21.51
CA GLN C 177 -16.35 32.37 22.87
C GLN C 177 -15.96 33.76 23.39
N ASP C 178 -16.29 34.84 22.67
CA ASP C 178 -16.04 36.17 23.24
C ASP C 178 -17.00 37.19 22.66
N ASP C 179 -17.46 38.10 23.54
CA ASP C 179 -18.42 39.15 23.24
C ASP C 179 -17.83 40.56 23.31
N SER C 180 -16.72 40.72 24.01
CA SER C 180 -15.96 41.96 23.90
C SER C 180 -15.11 41.86 22.63
N LYS C 181 -14.80 43.01 22.07
CA LYS C 181 -14.00 43.12 20.86
C LYS C 181 -14.72 42.61 19.63
N VAL C 182 -16.02 42.34 19.73
CA VAL C 182 -16.78 41.86 18.58
C VAL C 182 -18.05 42.72 18.48
N PHE C 183 -18.30 43.52 19.54
CA PHE C 183 -19.43 44.45 19.61
C PHE C 183 -18.90 45.80 20.08
N LYS C 184 -19.33 46.88 19.43
CA LYS C 184 -19.05 48.23 19.90
C LYS C 184 -20.31 49.07 19.75
N GLU C 185 -20.86 49.50 20.88
CA GLU C 185 -22.07 50.34 20.95
C GLU C 185 -23.26 49.74 20.25
N GLY C 186 -23.35 48.43 20.27
CA GLY C 186 -24.50 47.78 19.69
C GLY C 186 -24.37 47.42 18.24
N SER C 187 -23.28 47.81 17.57
CA SER C 187 -22.99 47.38 16.20
C SER C 187 -21.85 46.36 16.18
N CYS C 188 -21.88 45.52 15.14
CA CYS C 188 -21.05 44.33 15.09
C CYS C 188 -19.72 44.69 14.44
N LEU C 189 -18.69 44.86 15.26
CA LEU C 189 -17.46 45.51 14.84
C LEU C 189 -16.24 44.82 15.43
N LEU C 190 -15.22 44.67 14.60
CA LEU C 190 -13.93 44.23 15.07
C LEU C 190 -13.32 45.35 15.89
N ALA C 191 -13.16 45.16 17.20
CA ALA C 191 -12.74 46.31 17.99
C ALA C 191 -11.54 46.08 18.91
N ASP C 192 -10.99 44.87 19.03
CA ASP C 192 -9.70 44.80 19.71
C ASP C 192 -8.70 45.59 18.90
N ASP C 193 -8.23 46.72 19.42
CA ASP C 193 -7.41 47.62 18.59
C ASP C 193 -6.33 46.84 17.86
N ASN C 194 -5.62 45.96 18.56
CA ASN C 194 -4.44 45.31 17.98
C ASN C 194 -4.83 44.37 16.84
N PHE C 195 -5.95 43.66 16.95
CA PHE C 195 -6.36 42.90 15.77
C PHE C 195 -6.95 43.80 14.71
N VAL C 196 -7.46 44.96 15.04
CA VAL C 196 -7.74 45.84 13.92
C VAL C 196 -6.43 46.26 13.28
N LEU C 197 -5.42 46.49 14.10
CA LEU C 197 -4.20 47.05 13.57
C LEU C 197 -3.42 45.98 12.83
N ILE C 198 -3.23 44.82 13.44
CA ILE C 198 -2.54 43.74 12.76
C ILE C 198 -3.34 43.27 11.56
N GLY C 199 -4.58 42.82 11.80
CA GLY C 199 -5.37 42.20 10.74
C GLY C 199 -5.46 43.04 9.50
N SER C 200 -5.69 44.33 9.66
CA SER C 200 -5.63 45.24 8.54
C SER C 200 -4.19 45.48 8.05
N PHE C 201 -3.16 44.95 8.69
CA PHE C 201 -1.80 45.19 8.24
C PHE C 201 -1.11 43.94 7.74
N VAL C 202 -1.61 42.78 8.13
CA VAL C 202 -1.12 41.51 7.64
C VAL C 202 -1.97 40.96 6.52
N SER C 203 -3.28 41.13 6.55
CA SER C 203 -4.00 40.61 5.41
C SER C 203 -4.01 41.62 4.26
N PHE C 204 -3.91 42.92 4.48
CA PHE C 204 -4.01 43.79 3.32
C PHE C 204 -2.66 44.30 2.84
N PHE C 205 -2.01 45.12 3.66
CA PHE C 205 -0.83 45.84 3.19
C PHE C 205 0.34 44.93 2.90
N ILE C 206 0.62 43.97 3.75
CA ILE C 206 1.75 43.11 3.46
C ILE C 206 1.47 42.35 2.17
N PRO C 207 0.28 41.77 1.95
CA PRO C 207 0.09 41.06 0.69
C PRO C 207 -0.05 41.96 -0.51
N ALA C 208 -0.75 43.10 -0.39
CA ALA C 208 -0.85 43.98 -1.55
C ALA C 208 0.55 44.39 -2.00
N THR C 209 1.44 44.68 -1.05
CA THR C 209 2.80 45.10 -1.43
C THR C 209 3.58 43.95 -2.00
N ILE C 210 3.39 42.75 -1.46
CA ILE C 210 3.96 41.59 -2.11
C ILE C 210 3.41 41.46 -3.52
N MET C 211 2.08 41.46 -3.65
CA MET C 211 1.50 41.18 -4.95
C MET C 211 1.85 42.28 -5.94
N VAL C 212 1.89 43.53 -5.49
CA VAL C 212 2.32 44.65 -6.33
C VAL C 212 3.82 44.57 -6.64
N ILE C 213 4.64 44.13 -5.69
CA ILE C 213 6.06 43.97 -6.01
C ILE C 213 6.22 42.91 -7.07
N THR C 214 5.56 41.76 -6.89
CA THR C 214 5.74 40.65 -7.80
C THR C 214 5.24 40.96 -9.21
N TYR C 215 4.02 41.50 -9.35
CA TYR C 215 3.57 41.89 -10.69
C TYR C 215 4.50 42.97 -11.29
N PHE C 216 4.83 44.03 -10.54
CA PHE C 216 5.68 45.06 -11.12
C PHE C 216 7.07 44.55 -11.39
N LEU C 217 7.52 43.52 -10.67
CA LEU C 217 8.81 42.92 -10.95
C LEU C 217 8.71 41.81 -11.99
N THR C 218 7.50 41.44 -12.39
CA THR C 218 7.37 40.54 -13.53
C THR C 218 7.13 41.32 -14.82
N ILE C 219 6.44 42.47 -14.76
CA ILE C 219 6.30 43.32 -15.94
C ILE C 219 7.66 43.84 -16.40
N LYS C 220 8.64 43.94 -15.49
CA LYS C 220 10.00 44.22 -15.94
C LYS C 220 10.76 42.95 -16.24
N SER C 221 10.25 41.79 -15.83
CA SER C 221 10.92 40.52 -16.11
C SER C 221 10.48 39.89 -17.44
N LEU C 222 9.52 40.50 -18.14
CA LEU C 222 9.20 40.13 -19.51
C LEU C 222 9.96 40.98 -20.52
N GLN C 223 10.30 42.21 -20.15
CA GLN C 223 10.99 43.10 -21.08
C GLN C 223 12.34 42.53 -21.45
N LYS C 224 13.06 41.94 -20.50
CA LYS C 224 14.33 41.34 -20.86
C LYS C 224 14.10 40.13 -21.71
N GLU C 225 13.16 39.27 -21.33
CA GLU C 225 12.95 38.05 -22.07
C GLU C 225 12.69 38.29 -23.54
N ALA C 226 12.20 39.47 -23.93
CA ALA C 226 11.81 39.75 -25.32
C ALA C 226 12.60 40.85 -26.00
N ALA C 227 13.18 41.78 -25.29
CA ALA C 227 14.31 42.47 -25.89
C ALA C 227 15.40 41.46 -26.18
N ASP C 228 15.51 40.44 -25.32
CA ASP C 228 16.57 39.44 -25.47
C ASP C 228 16.33 38.59 -26.70
N LEU C 229 15.06 38.28 -27.00
CA LEU C 229 14.73 37.50 -28.19
C LEU C 229 14.81 38.33 -29.48
N GLU C 230 14.30 39.56 -29.47
CA GLU C 230 14.41 40.40 -30.66
C GLU C 230 15.87 40.57 -31.05
N ASP C 231 16.75 40.81 -30.08
CA ASP C 231 18.16 40.96 -30.40
C ASP C 231 18.79 39.65 -30.87
N ASN C 232 18.24 38.49 -30.48
CA ASN C 232 18.60 37.27 -31.21
C ASN C 232 18.15 37.35 -32.66
N TRP C 233 16.90 37.70 -32.90
CA TRP C 233 16.42 37.76 -34.27
C TRP C 233 17.10 38.90 -35.02
N GLU C 234 17.35 40.02 -34.34
CA GLU C 234 18.06 41.11 -34.99
C GLU C 234 19.48 40.70 -35.31
N THR C 235 20.07 39.80 -34.51
CA THR C 235 21.40 39.31 -34.86
C THR C 235 21.38 38.44 -36.10
N LEU C 236 20.37 37.57 -36.23
CA LEU C 236 20.30 36.70 -37.40
C LEU C 236 20.07 37.50 -38.68
N ASN C 237 19.13 38.46 -38.65
CA ASN C 237 18.89 39.25 -39.85
C ASN C 237 20.10 40.12 -40.18
N ASP C 238 20.68 40.78 -39.16
CA ASP C 238 21.80 41.69 -39.41
C ASP C 238 22.99 40.95 -40.03
N ASN C 239 23.20 39.68 -39.66
CA ASN C 239 24.37 38.99 -40.16
C ASN C 239 24.20 38.48 -41.59
N LEU C 240 22.97 38.23 -42.05
CA LEU C 240 22.84 37.74 -43.42
C LEU C 240 23.27 38.80 -44.42
N LYS C 241 22.98 40.07 -44.14
CA LYS C 241 23.40 41.12 -45.05
C LYS C 241 24.91 41.11 -45.23
N VAL C 242 25.65 40.73 -44.19
CA VAL C 242 27.09 40.55 -44.33
C VAL C 242 27.40 39.55 -45.43
N ILE C 243 26.77 38.39 -45.36
CA ILE C 243 27.11 37.27 -46.23
C ILE C 243 26.94 37.63 -47.70
N GLU C 244 25.88 38.38 -48.03
CA GLU C 244 25.63 38.72 -49.42
C GLU C 244 26.82 39.46 -50.04
N LYS C 245 27.47 40.32 -49.26
CA LYS C 245 28.68 41.00 -49.72
C LYS C 245 29.75 39.98 -50.03
N ALA C 246 30.45 40.20 -51.15
CA ALA C 246 31.42 39.26 -51.71
C ALA C 246 32.74 39.42 -50.97
N ASP C 247 32.73 38.93 -49.73
CA ASP C 247 33.83 39.13 -48.82
C ASP C 247 34.76 37.91 -48.87
N ASN C 248 35.69 37.86 -47.93
CA ASN C 248 36.62 36.77 -47.85
C ASN C 248 35.89 35.52 -47.39
N ALA C 249 36.44 34.36 -47.78
CA ALA C 249 35.91 33.10 -47.28
C ALA C 249 35.80 33.13 -45.76
N ALA C 250 36.83 33.64 -45.07
CA ALA C 250 36.73 33.74 -43.61
C ALA C 250 35.77 34.85 -43.22
N GLN C 251 35.71 35.94 -44.00
CA GLN C 251 34.85 37.07 -43.65
C GLN C 251 33.38 36.63 -43.56
N VAL C 252 32.97 35.75 -44.48
CA VAL C 252 31.62 35.19 -44.45
C VAL C 252 31.45 34.28 -43.23
N LYS C 253 32.50 33.54 -42.86
CA LYS C 253 32.46 32.66 -41.70
C LYS C 253 32.20 33.42 -40.40
N ASP C 254 32.55 34.72 -40.34
CA ASP C 254 32.12 35.55 -39.21
C ASP C 254 30.63 35.40 -38.98
N ALA C 255 29.83 35.68 -40.02
CA ALA C 255 28.38 35.73 -39.90
C ALA C 255 27.82 34.45 -39.31
N LEU C 256 28.27 33.30 -39.81
CA LEU C 256 27.81 32.03 -39.26
C LEU C 256 28.22 31.89 -37.80
N THR C 257 29.48 32.23 -37.48
CA THR C 257 29.92 32.18 -36.09
C THR C 257 29.03 33.03 -35.19
N LYS C 258 28.66 34.23 -35.65
CA LYS C 258 27.73 35.08 -34.91
C LYS C 258 26.30 34.55 -35.00
N MET C 259 25.88 34.12 -36.19
CA MET C 259 24.54 33.56 -36.38
C MET C 259 24.36 32.28 -35.58
N ARG C 260 25.42 31.47 -35.46
CA ARG C 260 25.32 30.27 -34.64
C ARG C 260 24.89 30.63 -33.24
N ALA C 261 25.56 31.61 -32.64
CA ALA C 261 25.29 31.95 -31.25
C ALA C 261 23.84 32.33 -31.04
N ALA C 262 23.32 33.22 -31.88
CA ALA C 262 21.97 33.75 -31.72
C ALA C 262 20.93 32.68 -31.99
N ALA C 263 21.20 31.82 -32.97
CA ALA C 263 20.30 30.71 -33.22
C ALA C 263 20.20 29.80 -32.01
N LEU C 264 21.35 29.33 -31.51
CA LEU C 264 21.35 28.45 -30.34
C LEU C 264 20.83 29.19 -29.12
N ASP C 265 21.26 30.43 -28.90
CA ASP C 265 20.84 31.17 -27.72
C ASP C 265 19.32 31.38 -27.69
N ALA C 266 18.69 31.60 -28.84
CA ALA C 266 17.23 31.63 -28.87
C ALA C 266 16.65 30.22 -28.76
N GLN C 267 17.36 29.21 -29.31
CA GLN C 267 16.90 27.84 -29.21
C GLN C 267 16.84 27.37 -27.77
N LYS C 268 17.88 27.69 -26.98
CA LYS C 268 17.89 27.30 -25.58
C LYS C 268 16.82 28.07 -24.81
N ALA C 269 16.72 29.37 -25.07
CA ALA C 269 15.77 30.22 -24.36
C ALA C 269 14.53 30.45 -25.24
N THR C 270 13.66 29.45 -25.24
CA THR C 270 12.46 29.47 -26.07
C THR C 270 11.25 29.20 -25.18
N PRO C 271 10.31 30.15 -25.04
CA PRO C 271 9.02 29.92 -24.38
C PRO C 271 7.98 29.22 -25.27
N ASP C 280 3.08 19.83 -32.75
CA ASP C 280 2.85 21.26 -32.60
C ASP C 280 4.03 21.94 -31.89
N SER C 281 4.15 21.77 -30.56
CA SER C 281 5.40 22.14 -29.88
C SER C 281 6.60 21.33 -30.38
N PRO C 282 6.47 20.06 -30.79
CA PRO C 282 7.56 19.45 -31.60
C PRO C 282 7.85 20.17 -32.91
N GLU C 283 6.80 20.64 -33.63
CA GLU C 283 6.97 21.45 -34.85
C GLU C 283 7.62 22.78 -34.53
N MET C 284 7.29 23.35 -33.36
CA MET C 284 8.01 24.51 -32.86
C MET C 284 9.40 24.13 -32.36
N LYS C 285 9.63 22.87 -32.02
CA LYS C 285 10.94 22.41 -31.63
C LYS C 285 11.83 22.11 -32.83
N ASP C 286 11.32 22.27 -34.04
CA ASP C 286 12.12 22.05 -35.24
C ASP C 286 12.97 23.25 -35.59
N PHE C 287 12.86 24.33 -34.81
CA PHE C 287 13.80 25.43 -34.98
C PHE C 287 15.22 24.92 -34.84
N ARG C 288 15.49 24.20 -33.76
CA ARG C 288 16.85 23.74 -33.48
C ARG C 288 17.42 22.88 -34.62
N HIS C 289 16.60 22.01 -35.19
CA HIS C 289 17.05 21.20 -36.34
C HIS C 289 17.35 22.07 -37.57
N GLY C 290 16.50 23.07 -37.84
CA GLY C 290 16.80 24.09 -38.82
C GLY C 290 17.80 25.13 -38.34
N PHE C 291 18.18 25.09 -37.06
CA PHE C 291 19.20 25.97 -36.50
C PHE C 291 20.59 25.39 -36.59
N ASP C 292 20.73 24.16 -37.12
CA ASP C 292 21.99 23.64 -37.60
C ASP C 292 22.20 23.91 -39.08
N ILE C 293 21.29 24.67 -39.69
CA ILE C 293 21.49 25.15 -41.04
C ILE C 293 22.67 26.10 -41.09
N LEU C 294 22.95 26.78 -40.00
CA LEU C 294 24.16 27.58 -39.91
C LEU C 294 25.37 26.67 -39.97
N VAL C 295 25.32 25.57 -39.21
CA VAL C 295 26.36 24.54 -39.25
C VAL C 295 26.31 23.77 -40.57
N GLY C 296 25.09 23.60 -41.15
CA GLY C 296 24.98 22.99 -42.48
C GLY C 296 25.62 23.80 -43.58
N GLN C 297 25.69 25.12 -43.42
CA GLN C 297 26.42 25.98 -44.33
C GLN C 297 27.72 26.50 -43.75
N ILE C 298 28.04 26.11 -42.51
CA ILE C 298 29.38 26.38 -41.99
C ILE C 298 30.43 25.61 -42.79
N ASP C 299 30.16 24.34 -43.09
CA ASP C 299 31.11 23.51 -43.82
C ASP C 299 31.50 24.16 -45.14
N ASP C 300 30.52 24.66 -45.90
CA ASP C 300 30.83 25.31 -47.18
C ASP C 300 31.60 26.60 -46.97
N ALA C 301 31.33 27.29 -45.86
CA ALA C 301 32.07 28.50 -45.50
C ALA C 301 33.47 28.16 -45.02
N LEU C 302 33.64 27.02 -44.34
CA LEU C 302 34.97 26.61 -43.93
C LEU C 302 35.74 26.04 -45.10
N LYS C 303 35.14 25.09 -45.82
CA LYS C 303 35.74 24.47 -47.01
C LYS C 303 35.55 25.33 -48.27
N LYS C 309 33.62 29.83 -50.48
CA LYS C 309 32.73 30.95 -50.11
C LYS C 309 31.49 31.14 -51.01
N VAL C 310 31.69 30.95 -52.32
CA VAL C 310 30.63 31.17 -53.29
C VAL C 310 29.47 30.21 -53.06
N LYS C 311 29.78 29.01 -52.57
CA LYS C 311 28.73 28.03 -52.32
C LYS C 311 28.00 28.33 -51.01
N GLU C 312 28.74 28.69 -49.96
CA GLU C 312 28.13 28.92 -48.65
C GLU C 312 27.18 30.10 -48.70
N ALA C 313 27.65 31.24 -49.21
CA ALA C 313 26.85 32.47 -49.25
C ALA C 313 25.50 32.23 -49.92
N GLN C 314 25.50 31.45 -50.98
CA GLN C 314 24.25 31.02 -51.60
C GLN C 314 23.50 30.06 -50.70
N ALA C 315 24.23 29.15 -50.09
CA ALA C 315 23.58 28.09 -49.30
C ALA C 315 22.95 28.63 -48.02
N ALA C 316 23.59 29.60 -47.35
CA ALA C 316 22.99 30.22 -46.17
C ALA C 316 21.85 31.15 -46.53
N ALA C 317 22.02 31.98 -47.57
CA ALA C 317 21.00 32.96 -47.94
C ALA C 317 19.66 32.30 -48.20
N GLU C 318 19.60 31.39 -49.16
CA GLU C 318 18.35 30.70 -49.40
C GLU C 318 17.84 30.07 -48.10
N GLN C 319 18.72 29.39 -47.40
CA GLN C 319 18.27 28.48 -46.37
C GLN C 319 17.50 29.19 -45.26
N LEU C 320 17.75 30.48 -45.05
CA LEU C 320 16.97 31.13 -44.01
C LEU C 320 15.89 32.03 -44.57
N LYS C 321 16.15 32.68 -45.70
CA LYS C 321 15.23 33.68 -46.24
C LYS C 321 14.32 33.13 -47.33
N THR C 322 14.64 31.97 -47.90
CA THR C 322 13.87 31.37 -48.99
C THR C 322 12.98 30.21 -48.51
N THR C 323 12.97 29.90 -47.20
CA THR C 323 12.12 28.86 -46.66
C THR C 323 11.24 29.33 -45.49
N ARG C 324 10.06 28.68 -45.34
CA ARG C 324 9.06 29.04 -44.35
C ARG C 324 9.62 29.05 -42.93
N ASN C 325 10.49 28.07 -42.63
CA ASN C 325 10.81 27.75 -41.25
C ASN C 325 11.24 28.95 -40.45
N ALA C 326 12.18 29.72 -40.98
CA ALA C 326 12.67 30.88 -40.25
C ALA C 326 11.56 31.90 -39.94
N TYR C 327 10.59 32.07 -40.86
CA TYR C 327 9.51 33.02 -40.70
C TYR C 327 8.42 32.51 -39.82
N ILE C 328 8.39 31.20 -39.58
CA ILE C 328 7.33 30.62 -38.80
C ILE C 328 7.75 30.56 -37.35
N GLN C 329 9.00 30.92 -37.07
CA GLN C 329 9.58 31.03 -35.74
C GLN C 329 9.63 32.48 -35.30
N LYS C 330 10.15 33.36 -36.13
CA LYS C 330 10.01 34.79 -35.85
C LYS C 330 8.55 35.17 -35.77
N TYR C 331 7.64 34.43 -36.39
CA TYR C 331 6.24 34.81 -36.21
C TYR C 331 5.81 34.48 -34.80
N LEU C 332 5.88 33.19 -34.45
CA LEU C 332 5.35 32.69 -33.18
C LEU C 332 6.08 33.33 -31.99
N THR C 333 7.42 33.36 -32.03
CA THR C 333 8.18 34.15 -31.06
C THR C 333 7.56 35.54 -30.85
N MET C 334 7.24 36.30 -31.89
CA MET C 334 6.75 37.64 -31.58
C MET C 334 5.26 37.69 -31.24
N GLN C 335 4.47 36.72 -31.65
CA GLN C 335 3.10 36.69 -31.17
C GLN C 335 3.04 36.30 -29.69
N SER C 336 3.86 35.34 -29.25
CA SER C 336 3.76 34.91 -27.85
C SER C 336 4.18 36.01 -26.90
N ILE C 337 5.22 36.77 -27.29
CA ILE C 337 5.67 37.91 -26.49
C ILE C 337 4.51 38.82 -26.19
N SER C 338 3.72 39.12 -27.22
CA SER C 338 2.53 39.96 -27.07
C SER C 338 1.44 39.27 -26.24
N ASN C 339 1.22 37.97 -26.46
CA ASN C 339 0.28 37.26 -25.62
C ASN C 339 0.65 37.42 -24.15
N GLU C 340 1.92 37.22 -23.82
CA GLU C 340 2.36 37.41 -22.45
C GLU C 340 2.26 38.87 -22.00
N GLN C 341 2.50 39.82 -22.90
CA GLN C 341 2.36 41.24 -22.54
C GLN C 341 0.92 41.57 -22.23
N LYS C 342 0.01 41.15 -23.10
CA LYS C 342 -1.42 41.37 -22.89
C LYS C 342 -1.92 40.63 -21.66
N ALA C 343 -1.51 39.36 -21.48
CA ALA C 343 -2.03 38.56 -20.38
C ALA C 343 -1.61 39.13 -19.05
N CYS C 344 -0.44 39.78 -18.99
CA CYS C 344 0.05 40.49 -17.80
C CYS C 344 -0.39 41.96 -17.75
N LYS C 345 -1.25 42.39 -18.66
CA LYS C 345 -1.96 43.62 -18.37
C LYS C 345 -3.24 43.36 -17.60
N VAL C 346 -4.02 42.33 -17.97
CA VAL C 346 -5.29 42.11 -17.30
C VAL C 346 -5.08 41.76 -15.84
N LEU C 347 -3.99 41.06 -15.53
CA LEU C 347 -3.66 40.87 -14.12
C LEU C 347 -3.39 42.22 -13.44
N GLY C 348 -2.62 43.09 -14.09
CA GLY C 348 -2.40 44.41 -13.52
C GLY C 348 -3.67 45.12 -13.15
N ILE C 349 -4.65 45.13 -14.07
CA ILE C 349 -5.94 45.76 -13.80
C ILE C 349 -6.65 45.08 -12.62
N VAL C 350 -6.67 43.75 -12.59
CA VAL C 350 -7.35 43.13 -11.48
C VAL C 350 -6.62 43.43 -10.17
N PHE C 351 -5.30 43.30 -10.15
CA PHE C 351 -4.54 43.67 -8.96
C PHE C 351 -4.86 45.09 -8.53
N PHE C 352 -4.54 46.06 -9.39
CA PHE C 352 -4.66 47.47 -9.00
C PHE C 352 -6.06 47.80 -8.51
N LEU C 353 -7.10 47.26 -9.15
CA LEU C 353 -8.44 47.59 -8.68
C LEU C 353 -8.65 47.10 -7.26
N PHE C 354 -8.17 45.88 -6.96
CA PHE C 354 -8.39 45.32 -5.63
C PHE C 354 -7.64 46.11 -4.55
N VAL C 355 -6.36 46.41 -4.78
CA VAL C 355 -5.67 47.18 -3.77
C VAL C 355 -6.17 48.62 -3.72
N VAL C 356 -6.60 49.17 -4.86
CA VAL C 356 -7.05 50.55 -4.78
C VAL C 356 -8.35 50.64 -3.99
N MET C 357 -9.33 49.80 -4.32
CA MET C 357 -10.64 49.94 -3.68
C MET C 357 -10.60 49.59 -2.19
N TRP C 358 -9.74 48.65 -1.76
CA TRP C 358 -9.73 48.33 -0.34
C TRP C 358 -8.83 49.25 0.47
N CYS C 359 -7.89 49.93 -0.16
CA CYS C 359 -7.02 50.81 0.61
C CYS C 359 -7.80 51.81 1.44
N PRO C 360 -8.75 52.56 0.91
CA PRO C 360 -9.42 53.54 1.79
C PRO C 360 -10.03 52.91 3.02
N PHE C 361 -10.64 51.73 2.89
CA PHE C 361 -11.20 51.12 4.08
C PHE C 361 -10.07 50.77 5.06
N PHE C 362 -9.01 50.15 4.55
CA PHE C 362 -7.98 49.66 5.46
C PHE C 362 -7.09 50.78 5.97
N ILE C 363 -6.95 51.88 5.22
CA ILE C 363 -6.26 53.00 5.81
C ILE C 363 -7.12 53.63 6.90
N THR C 364 -8.40 53.84 6.63
CA THR C 364 -9.28 54.42 7.66
C THR C 364 -9.34 53.52 8.89
N ASN C 365 -9.49 52.20 8.68
CA ASN C 365 -9.64 51.26 9.78
C ASN C 365 -8.50 51.40 10.79
N ILE C 366 -7.26 51.58 10.31
CA ILE C 366 -6.15 51.85 11.22
C ILE C 366 -6.09 53.31 11.65
N MET C 367 -6.82 54.19 11.00
CA MET C 367 -6.96 55.51 11.56
C MET C 367 -8.05 55.55 12.61
N ALA C 368 -8.72 54.45 12.88
CA ALA C 368 -9.70 54.45 13.96
C ALA C 368 -9.08 53.96 15.23
N VAL C 369 -7.92 53.37 15.10
CA VAL C 369 -7.17 52.86 16.21
C VAL C 369 -6.00 53.71 16.50
N ILE C 370 -5.54 54.48 15.53
CA ILE C 370 -4.52 55.46 15.79
C ILE C 370 -5.11 56.66 16.50
N CYS C 371 -6.43 56.81 16.46
CA CYS C 371 -7.09 58.06 16.81
C CYS C 371 -8.17 57.87 17.87
N LYS C 372 -8.00 56.88 18.75
CA LYS C 372 -8.98 56.75 19.82
C LYS C 372 -9.03 58.07 20.59
N GLU C 373 -7.88 58.65 20.88
CA GLU C 373 -7.81 60.00 21.45
C GLU C 373 -7.60 61.01 20.33
N SER C 374 -8.20 62.20 20.47
CA SER C 374 -7.99 63.37 19.63
C SER C 374 -8.55 63.27 18.20
N CYS C 375 -9.37 62.27 17.92
CA CYS C 375 -9.95 62.08 16.59
C CYS C 375 -11.42 61.77 16.78
N ASN C 376 -12.30 62.54 16.17
CA ASN C 376 -13.71 62.18 16.24
C ASN C 376 -13.91 60.83 15.59
N GLU C 377 -14.48 59.88 16.33
CA GLU C 377 -14.70 58.56 15.79
C GLU C 377 -16.13 58.34 15.32
N ASP C 378 -16.96 59.37 15.39
CA ASP C 378 -18.30 59.28 14.82
C ASP C 378 -18.25 59.50 13.31
N VAL C 379 -17.33 60.33 12.83
CA VAL C 379 -17.13 60.46 11.40
C VAL C 379 -16.52 59.18 10.81
N ILE C 380 -15.49 58.64 11.46
CA ILE C 380 -14.78 57.48 10.95
C ILE C 380 -15.71 56.27 10.80
N GLY C 381 -16.65 56.10 11.73
CA GLY C 381 -17.66 55.08 11.54
C GLY C 381 -18.47 55.30 10.29
N ALA C 382 -18.97 56.53 10.08
CA ALA C 382 -19.58 56.87 8.82
C ALA C 382 -18.64 56.56 7.66
N LEU C 383 -17.46 57.15 7.67
CA LEU C 383 -16.50 56.89 6.61
C LEU C 383 -16.29 55.39 6.42
N LEU C 384 -16.09 54.65 7.52
CA LEU C 384 -15.75 53.24 7.38
C LEU C 384 -16.83 52.49 6.65
N ASN C 385 -18.08 52.79 6.93
CA ASN C 385 -19.18 51.98 6.37
C ASN C 385 -19.53 52.32 4.93
N VAL C 386 -18.84 53.27 4.31
CA VAL C 386 -18.94 53.45 2.87
C VAL C 386 -17.68 52.88 2.25
N PHE C 387 -16.55 52.98 2.96
CA PHE C 387 -15.31 52.48 2.39
C PHE C 387 -15.28 50.96 2.39
N VAL C 388 -16.10 50.35 3.25
CA VAL C 388 -16.26 48.91 3.22
C VAL C 388 -16.83 48.51 1.89
N TRP C 389 -17.82 49.25 1.42
CA TRP C 389 -18.48 48.87 0.18
C TRP C 389 -17.63 49.17 -1.06
N ILE C 390 -16.81 50.23 -1.05
CA ILE C 390 -15.91 50.37 -2.18
C ILE C 390 -14.98 49.17 -2.27
N GLY C 391 -14.50 48.68 -1.13
CA GLY C 391 -13.72 47.46 -1.15
C GLY C 391 -14.54 46.25 -1.53
N TYR C 392 -15.82 46.25 -1.13
CA TYR C 392 -16.78 45.17 -1.43
C TYR C 392 -17.08 45.10 -2.92
N ALA C 393 -17.19 46.24 -3.56
CA ALA C 393 -17.45 46.22 -4.98
C ALA C 393 -16.22 45.80 -5.78
N SER C 394 -15.05 45.67 -5.19
CA SER C 394 -13.99 45.04 -5.96
C SER C 394 -14.22 43.54 -6.14
N SER C 395 -15.22 42.97 -5.45
CA SER C 395 -15.52 41.55 -5.62
C SER C 395 -16.30 41.30 -6.91
N ALA C 396 -17.23 42.16 -7.24
CA ALA C 396 -17.91 42.08 -8.53
C ALA C 396 -17.12 42.73 -9.66
N VAL C 397 -15.90 43.21 -9.39
CA VAL C 397 -15.13 43.92 -10.40
C VAL C 397 -14.23 43.02 -11.20
N ASN C 398 -13.93 41.81 -10.73
CA ASN C 398 -13.18 40.89 -11.58
C ASN C 398 -13.97 40.50 -12.83
N PRO C 399 -15.22 40.01 -12.75
CA PRO C 399 -15.83 39.49 -13.98
C PRO C 399 -15.96 40.54 -15.05
N LEU C 400 -16.29 41.78 -14.67
CA LEU C 400 -16.27 42.85 -15.64
C LEU C 400 -14.90 42.98 -16.31
N VAL C 401 -13.82 42.81 -15.54
CA VAL C 401 -12.49 42.91 -16.11
C VAL C 401 -12.24 41.79 -17.11
N TYR C 402 -12.83 40.60 -16.89
CA TYR C 402 -12.60 39.51 -17.86
C TYR C 402 -13.50 39.68 -19.08
N THR C 403 -14.74 40.15 -18.88
CA THR C 403 -15.63 40.36 -20.02
C THR C 403 -15.13 41.43 -20.96
N LEU C 404 -14.66 42.54 -20.41
CA LEU C 404 -14.21 43.63 -21.26
C LEU C 404 -12.96 43.23 -22.02
N PHE C 405 -12.03 42.51 -21.38
CA PHE C 405 -10.70 42.31 -21.92
C PHE C 405 -10.39 40.92 -22.44
N ASN C 406 -11.25 39.93 -22.25
CA ASN C 406 -10.90 38.57 -22.66
C ASN C 406 -11.91 37.97 -23.62
N LYS C 407 -11.53 37.86 -24.90
CA LYS C 407 -12.44 37.34 -25.92
C LYS C 407 -12.94 35.95 -25.57
N THR C 408 -12.06 35.08 -25.09
CA THR C 408 -12.43 33.70 -24.79
C THR C 408 -13.39 33.61 -23.59
N TYR C 409 -13.30 34.56 -22.63
CA TYR C 409 -14.33 34.68 -21.60
C TYR C 409 -15.58 35.38 -22.12
N ARG C 410 -15.38 36.53 -22.77
CA ARG C 410 -16.50 37.34 -23.28
C ARG C 410 -17.41 36.52 -24.15
N SER C 411 -16.85 35.92 -25.22
CA SER C 411 -17.64 35.05 -26.09
C SER C 411 -18.28 33.93 -25.28
N ALA C 412 -17.54 33.36 -24.33
CA ALA C 412 -18.11 32.34 -23.47
C ALA C 412 -19.24 32.87 -22.61
N PHE C 413 -19.09 34.04 -21.99
CA PHE C 413 -20.08 34.46 -21.00
C PHE C 413 -21.49 34.53 -21.58
N SER C 414 -21.62 35.00 -22.83
CA SER C 414 -22.95 35.13 -23.41
C SER C 414 -23.68 33.78 -23.39
N ARG C 415 -23.03 32.74 -23.91
CA ARG C 415 -23.64 31.41 -24.05
C ARG C 415 -24.11 30.87 -22.71
N TYR C 416 -23.45 31.28 -21.62
CA TYR C 416 -23.69 30.68 -20.31
C TYR C 416 -25.04 31.09 -19.71
N ILE C 417 -25.42 32.36 -19.80
CA ILE C 417 -26.64 32.75 -19.13
C ILE C 417 -27.86 32.49 -20.01
N GLN C 418 -27.66 31.88 -21.18
CA GLN C 418 -28.77 31.39 -22.00
C GLN C 418 -29.29 30.06 -21.50
N CYS C 419 -28.57 29.44 -20.56
CA CYS C 419 -28.75 28.11 -19.97
C CYS C 419 -28.24 27.00 -20.88
N GLN C 420 -27.56 27.31 -22.00
CA GLN C 420 -27.04 26.32 -22.95
C GLN C 420 -25.58 25.94 -22.62
N TYR C 421 -24.92 25.19 -23.52
CA TYR C 421 -23.51 24.81 -23.40
C TYR C 421 -22.89 24.76 -24.79
N LYS C 422 -21.60 25.13 -24.89
CA LYS C 422 -20.81 25.12 -26.15
C LYS C 422 -21.68 25.19 -27.41
N1 7LD D . -15.63 -35.44 25.86
N3 7LD D . -14.77 -26.93 30.23
C4 7LD D . -16.20 -35.44 28.40
C5 7LD D . -16.18 -34.64 29.55
C6 7LD D . -15.28 -32.84 28.22
C7 7LD D . -14.89 -33.30 25.86
C8 7LD D . -15.10 -34.45 25.05
C10 7LD D . -15.62 -30.29 28.69
C13 7LD D . -14.14 -28.66 27.40
C15 7LD D . -14.37 -31.91 25.52
C17 7LD D . -15.12 -25.98 29.19
C20 7LD D . -12.89 -25.99 31.68
N2 7LD D . -14.21 -29.47 26.36
C12 7LD D . -13.05 -29.23 25.52
C11 7LD D . -14.07 -31.04 26.78
C3 7LD D . -15.30 -33.64 27.12
C1 7LD D . -15.75 -34.93 27.17
C2 7LD D . -15.73 -33.33 29.46
C9 7LD D . -14.76 -31.38 27.99
C14 7LD D . -15.24 -28.94 28.59
C16 7LD D . -14.79 -28.37 29.99
O1 7LD D . -14.48 -29.09 30.92
C19 7LD D . -14.36 -26.44 31.55
C18 7LD D . -16.55 -26.14 28.73
C1 CLR E . -1.82 -33.86 42.24
C2 CLR E . -2.19 -33.07 43.50
C3 CLR E . -1.26 -31.87 43.72
C4 CLR E . -1.33 -30.91 42.54
C5 CLR E . -1.16 -31.66 41.24
C6 CLR E . -0.36 -31.12 40.31
C7 CLR E . -0.26 -31.69 38.91
C8 CLR E . -1.39 -32.65 38.59
C9 CLR E . -1.55 -33.67 39.71
C10 CLR E . -1.94 -32.95 41.00
C11 CLR E . -2.51 -34.77 39.25
C12 CLR E . -1.98 -35.52 38.00
C13 CLR E . -1.74 -34.54 36.86
C14 CLR E . -0.86 -33.42 37.41
C15 CLR E . -0.31 -32.61 36.24
C16 CLR E . 0.02 -33.72 35.24
C17 CLR E . -0.82 -34.94 35.67
C18 CLR E . -3.10 -34.06 36.42
C19 CLR E . -3.34 -32.42 40.87
C20 CLR E . -1.41 -35.57 34.41
C21 CLR E . -0.74 -36.93 34.22
C22 CLR E . -1.21 -34.62 33.22
C23 CLR E . -0.42 -35.19 32.04
C24 CLR E . -0.25 -34.07 31.03
C25 CLR E . 0.19 -34.52 29.63
C26 CLR E . 0.86 -33.38 28.90
C27 CLR E . 1.12 -35.73 29.65
O1 CLR E . -1.65 -31.17 44.90
C1 OLA F . -2.74 -21.14 22.83
C2 OLA F . -1.43 -21.89 22.73
C3 OLA F . -1.42 -22.94 21.63
C4 OLA F . -0.56 -24.11 22.08
C5 OLA F . -0.03 -24.94 20.92
C6 OLA F . -0.54 -24.43 19.56
C7 OLA F . 0.51 -24.35 18.44
C8 OLA F . 0.66 -25.67 17.70
C9 OLA F . 0.96 -25.70 16.28
C10 OLA F . 0.28 -24.75 15.33
C11 OLA F . 0.53 -25.32 13.92
C12 OLA F . 1.96 -25.14 13.37
C13 OLA F . 2.08 -25.76 11.98
C14 OLA F . 1.70 -27.22 12.05
C15 OLA F . 2.69 -28.04 11.25
C16 OLA F . 3.55 -28.86 12.19
C17 OLA F . 4.31 -29.91 11.41
C1 OLA G . -18.46 -22.14 -0.21
O1 OLA G . -17.76 -22.93 0.48
O2 OLA G . -19.25 -22.60 -1.08
C2 OLA G . -18.32 -20.65 0.05
C3 OLA G . -18.33 -20.38 1.55
C4 OLA G . -19.37 -19.34 1.96
C5 OLA G . -19.11 -18.90 3.39
C6 OLA G . -17.64 -18.55 3.60
C7 OLA G . -17.42 -17.40 4.58
C8 OLA G . -16.12 -16.60 4.40
C9 OLA G . -15.82 -16.32 2.93
C10 OLA G . -14.46 -16.38 2.38
C11 OLA G . -13.44 -15.29 2.57
C12 OLA G . -12.05 -15.87 2.78
C13 OLA G . -11.53 -15.43 4.15
C14 OLA G . -12.67 -15.09 5.12
C15 OLA G . -12.28 -14.09 6.22
C16 OLA G . -13.02 -14.36 7.52
C17 OLA G . -12.30 -13.73 8.71
C18 OLA G . -12.38 -14.58 9.97
C1 PEG H . -13.77 -25.00 40.19
O1 PEG H . -13.46 -23.62 39.89
C2 PEG H . -12.54 -25.89 40.34
O2 PEG H . -12.88 -27.28 40.36
C3 PEG H . -12.13 -28.09 39.47
C4 PEG H . -13.00 -29.18 38.89
O4 PEG H . -12.27 -30.14 38.13
C1 CLR I . -20.38 -32.38 6.33
C2 CLR I . -19.79 -32.85 5.00
C3 CLR I . -20.56 -33.99 4.33
C4 CLR I . -22.02 -33.55 4.24
C5 CLR I . -22.51 -33.28 5.63
C6 CLR I . -23.44 -34.07 6.17
C7 CLR I . -23.73 -34.06 7.64
C8 CLR I . -23.66 -32.62 8.14
C9 CLR I . -22.31 -31.98 7.83
C10 CLR I . -21.89 -32.11 6.35
C11 CLR I . -22.22 -30.54 8.43
C12 CLR I . -22.69 -30.41 9.90
C13 CLR I . -24.02 -31.11 10.12
C14 CLR I . -23.84 -32.53 9.64
C15 CLR I . -25.03 -33.33 10.13
C16 CLR I . -25.44 -32.56 11.36
C17 CLR I . -24.47 -31.39 11.55
C18 CLR I . -25.14 -30.48 9.28
C19 CLR I . -22.27 -30.86 5.58
C20 CLR I . -25.10 -30.34 12.50
C21 CLR I . -25.08 -28.87 12.10
C22 CLR I . -24.49 -30.47 13.90
C23 CLR I . -24.46 -31.92 14.40
C24 CLR I . -25.24 -32.19 15.68
C25 CLR I . -26.75 -32.25 15.49
C26 CLR I . -27.39 -30.87 15.65
C27 CLR I . -27.15 -32.92 14.18
O1 CLR I . -20.02 -34.29 3.02
N1 7LD J . 4.94 3.01 23.03
N3 7LD J . 1.49 11.22 25.48
C4 7LD J . 5.36 3.73 25.46
C5 7LD J . 5.26 4.80 26.34
C6 7LD J . 4.34 6.09 24.54
C7 7LD J . 4.11 4.98 22.41
C8 7LD J . 4.41 3.69 21.95
C10 7LD J . 2.31 7.73 24.39
C13 7LD J . 2.87 9.63 22.86
C15 7LD J . 3.53 6.20 21.70
C17 7LD J . 0.58 11.63 24.40
C20 7LD J . 2.18 13.51 26.28
N2 7LD J . 2.82 8.67 21.98
C12 7LD J . 3.24 9.09 20.68
C11 7LD J . 3.82 7.51 22.47
C3 7LD J . 4.46 5.03 23.72
C1 7LD J . 4.96 3.85 24.13
C2 7LD J . 4.74 6.01 25.89
C9 7LD J . 3.72 7.36 23.88
C14 7LD J . 2.00 9.06 24.14
C16 7LD J . 2.24 9.95 25.39
O1 7LD J . 2.99 9.60 26.25
C19 7LD J . 1.66 12.11 26.63
C18 7LD J . -0.67 10.75 24.28
C5 OLA K . -9.04 10.68 -3.88
C6 OLA K . -9.33 11.08 -2.43
C7 OLA K . -9.92 12.49 -2.31
C8 OLA K . -10.64 12.67 -0.97
C9 OLA K . -9.73 12.34 0.18
C10 OLA K . -9.92 12.88 1.53
C11 OLA K . -10.42 14.31 1.79
C12 OLA K . -10.62 14.52 3.28
C13 OLA K . -9.36 14.25 4.11
C14 OLA K . -9.61 14.34 5.62
P PO4 L . 0.99 17.72 33.46
O1 PO4 L . 0.44 17.65 32.04
O2 PO4 L . 2.39 17.15 33.45
O3 PO4 L . 0.99 19.16 33.97
O4 PO4 L . 0.13 16.86 34.34
P PO4 M . 10.51 1.94 -2.96
O1 PO4 M . 11.31 1.08 -3.93
O2 PO4 M . 9.02 1.82 -3.22
O3 PO4 M . 10.89 3.40 -3.13
O4 PO4 M . 10.79 1.46 -1.54
N1 7LD N . -8.86 41.83 7.22
N3 7LD N . -16.43 46.36 9.61
C4 7LD N . -8.73 43.11 9.49
C5 7LD N . -9.44 43.90 10.38
C6 7LD N . -11.29 43.75 8.92
C7 7LD N . -10.92 42.42 6.88
C8 7LD N . -9.86 41.70 6.31
C10 7LD N . -13.81 43.59 9.64
C13 7LD N . -15.50 43.74 7.82
C15 7LD N . -12.33 42.69 6.40
C17 7LD N . -17.45 46.14 8.56
C20 7LD N . -16.84 48.91 9.36
N2 7LD N . -14.57 43.24 6.99
C12 7LD N . -14.68 43.68 5.61
C11 7LD N . -13.09 43.79 7.21
C3 7LD N . -10.57 42.97 8.07
C1 7LD N . -9.30 42.62 8.30
C2 7LD N . -10.74 44.24 10.10
C9 7LD N . -12.76 44.06 8.56
C14 7LD N . -15.16 43.93 9.43
C16 7LD N . -15.38 45.39 10.03
O1 7LD N . -14.61 45.74 10.91
C19 7LD N . -16.44 47.71 10.25
C18 7LD N . -18.53 45.12 8.90
C1 PEG O . 12.77 35.69 -41.13
O1 PEG O . 14.03 35.26 -41.63
C2 PEG O . 12.55 37.15 -41.43
O2 PEG O . 11.36 37.61 -40.80
C3 PEG O . 11.08 38.99 -41.02
C4 PEG O . 9.65 39.12 -41.37
O4 PEG O . 9.14 40.41 -41.11
P PO4 P . 15.08 43.88 -37.02
O1 PO4 P . 14.77 44.21 -38.47
O2 PO4 P . 16.58 43.97 -36.80
O3 PO4 P . 14.66 42.47 -36.65
O4 PO4 P . 14.34 44.88 -36.14
OH2 1PE Q . -11.23 50.99 18.52
C12 1PE Q . -10.98 50.40 17.22
C22 1PE Q . -12.26 50.12 16.43
OH3 1PE Q . -12.75 51.24 15.68
C13 1PE Q . -14.69 52.13 14.47
C23 1PE Q . -14.00 50.91 15.07
OH4 1PE Q . -15.25 52.89 15.55
C14 1PE Q . -17.40 53.36 16.50
C24 1PE Q . -16.50 53.50 15.26
OH5 1PE Q . -18.76 53.46 16.09
C15 1PE Q . -21.07 52.89 16.18
C25 1PE Q . -19.67 52.56 16.71
OH6 1PE Q . -20.96 53.13 14.77
C16 1PE Q . -21.36 54.92 13.12
C26 1PE Q . -21.95 54.04 14.24
OH7 1PE Q . -22.40 55.54 12.33
#